data_1G51
#
_entry.id   1G51
#
_cell.length_a   60.135
_cell.length_b   155.500
_cell.length_c   171.145
_cell.angle_alpha   90.00
_cell.angle_beta   90.00
_cell.angle_gamma   90.00
#
_symmetry.space_group_name_H-M   'P 21 21 21'
#
loop_
_entity.id
_entity.type
_entity.pdbx_description
1 polymer 'ASPARTYL-TRNA SYNTHETASE'
2 non-polymer 'SULFATE ION'
3 non-polymer "ASPARTYL-ADENOSINE-5'-MONOPHOSPHATE"
4 non-polymer 'ADENOSINE MONOPHOSPHATE'
5 water water
#
_entity_poly.entity_id   1
_entity_poly.type   'polypeptide(L)'
_entity_poly.pdbx_seq_one_letter_code
;MRRTHYAGSLRETHVGEEVVLEGWVNRRRDLGGLIFLDLRDREGLVQLVAHPASPAYATAERVRPEWVVRAKGLVRLRPE
PNPRLATGRVEVELSALEVLAEAKTPPFPVDAGWRGEEEKEASEELRLKYRYLDLRRRRMQENLRLRHRVIKAIWDFLDR
EGFVQVETPFLTKSTPEGARDFLVPYRHEPGLFYALPQSPQLFKQMLMVAGLDRYFQIARCFRDEDLRADRQPDFTQLDL
EMSFVEVEDVLELNERLMAHVFREALGVELPLPFPRLSYEEAMERYGSDKPDLRFGLELKEVGPLFRQSGFRVFQEAESV
KALALPKALSRKEVAELEEVAKRHKAQGLAWARVEEGGFSGGVAKFLEPVREALLQATEARPGDTLLFVAGPRKVAATAL
GAVRLRAADLLGLKREGFRFLWVVDFPLLEWDEEEEAWTYMHHPFTSPHPEDLPLLEKDPGRVRALAYDLVLNGVEVGGG
SIRIHDPRLQARVFRLLGIGEEEQREKFGFFLEALEYGAPPHGGIAWGLDRLLALMTGSPSIREVIAFPKNKEGKDPLTG
APSPVPEEQLRELGLMVVRP
;
_entity_poly.pdbx_strand_id   A,B
#
loop_
_chem_comp.id
_chem_comp.type
_chem_comp.name
_chem_comp.formula
AMO non-polymer ASPARTYL-ADENOSINE-5'-MONOPHOSPHATE 'C14 H19 N6 O10 P'
AMP non-polymer 'ADENOSINE MONOPHOSPHATE' 'C10 H14 N5 O7 P'
SO4 non-polymer 'SULFATE ION' 'O4 S -2'
#
# COMPACT_ATOMS: atom_id res chain seq x y z
N MET A 1 9.37 -14.89 -30.66
CA MET A 1 8.74 -13.79 -29.84
C MET A 1 9.75 -13.04 -28.97
N ARG A 2 9.81 -13.27 -27.67
CA ARG A 2 10.77 -12.54 -26.81
C ARG A 2 11.68 -11.50 -27.51
N ARG A 3 11.54 -10.23 -27.13
CA ARG A 3 12.38 -9.18 -27.67
C ARG A 3 13.76 -9.34 -27.09
N THR A 4 14.76 -8.77 -27.77
CA THR A 4 16.16 -8.80 -27.37
C THR A 4 16.55 -7.53 -26.59
N HIS A 5 15.84 -6.43 -26.84
CA HIS A 5 16.12 -5.18 -26.16
C HIS A 5 14.89 -4.28 -26.13
N TYR A 6 14.98 -3.21 -25.35
CA TYR A 6 13.94 -2.23 -25.27
C TYR A 6 14.25 -1.25 -26.42
N ALA A 7 13.29 -1.07 -27.31
CA ALA A 7 13.43 -0.20 -28.46
C ALA A 7 14.26 1.07 -28.22
N GLY A 8 13.93 1.79 -27.15
CA GLY A 8 14.62 3.01 -26.85
C GLY A 8 15.94 2.85 -26.13
N SER A 9 16.45 1.62 -26.08
CA SER A 9 17.73 1.31 -25.41
C SER A 9 18.92 1.18 -26.36
N LEU A 10 18.63 1.06 -27.67
CA LEU A 10 19.65 0.87 -28.68
C LEU A 10 20.62 2.04 -28.82
N ARG A 11 21.91 1.75 -28.74
CA ARG A 11 22.91 2.79 -28.87
C ARG A 11 23.88 2.39 -29.97
N GLU A 12 24.90 3.21 -30.20
CA GLU A 12 25.91 2.95 -31.24
C GLU A 12 26.59 1.63 -31.07
N THR A 13 26.77 1.23 -29.81
CA THR A 13 27.42 -0.04 -29.49
C THR A 13 26.69 -1.23 -30.10
N HIS A 14 25.42 -1.06 -30.45
CA HIS A 14 24.62 -2.17 -31.00
C HIS A 14 24.68 -2.37 -32.49
N VAL A 15 25.40 -1.50 -33.21
CA VAL A 15 25.46 -1.64 -34.66
C VAL A 15 25.97 -3.03 -35.05
N GLY A 16 25.30 -3.65 -36.02
CA GLY A 16 25.70 -4.96 -36.46
C GLY A 16 24.85 -6.09 -35.90
N GLU A 17 24.23 -5.84 -34.75
CA GLU A 17 23.40 -6.88 -34.14
C GLU A 17 22.01 -7.06 -34.77
N GLU A 18 21.52 -8.30 -34.78
CA GLU A 18 20.20 -8.61 -35.29
C GLU A 18 19.33 -8.48 -34.03
N VAL A 19 18.25 -7.72 -34.10
CA VAL A 19 17.43 -7.55 -32.92
C VAL A 19 15.99 -7.82 -33.18
N VAL A 20 15.24 -7.96 -32.09
CA VAL A 20 13.80 -8.18 -32.11
C VAL A 20 13.31 -7.16 -31.13
N LEU A 21 12.49 -6.24 -31.63
CA LEU A 21 11.91 -5.15 -30.83
C LEU A 21 10.40 -5.33 -30.82
N GLU A 22 9.76 -4.85 -29.75
CA GLU A 22 8.32 -4.94 -29.62
C GLU A 22 7.87 -3.59 -29.07
N GLY A 23 6.86 -3.00 -29.69
CA GLY A 23 6.39 -1.72 -29.22
C GLY A 23 5.25 -1.13 -30.01
N TRP A 24 5.12 0.19 -29.91
CA TRP A 24 4.04 0.91 -30.56
C TRP A 24 4.54 1.79 -31.68
N VAL A 25 3.77 1.91 -32.76
CA VAL A 25 4.19 2.77 -33.85
C VAL A 25 3.93 4.22 -33.41
N ASN A 26 5.00 4.95 -33.08
CA ASN A 26 4.88 6.32 -32.65
C ASN A 26 4.53 7.22 -33.81
N ARG A 27 5.06 6.86 -34.98
CA ARG A 27 4.87 7.63 -36.21
C ARG A 27 5.31 6.86 -37.47
N ARG A 28 4.64 7.11 -38.59
CA ARG A 28 4.98 6.46 -39.84
C ARG A 28 5.22 7.53 -40.89
N ARG A 29 6.36 7.47 -41.57
CA ARG A 29 6.66 8.44 -42.63
C ARG A 29 7.08 7.73 -43.90
N ASP A 30 6.34 8.01 -44.96
CA ASP A 30 6.62 7.46 -46.27
C ASP A 30 7.45 8.55 -46.96
N LEU A 31 8.75 8.32 -47.03
CA LEU A 31 9.69 9.26 -47.60
C LEU A 31 10.44 8.66 -48.76
N GLY A 32 9.94 8.84 -49.96
CA GLY A 32 10.58 8.24 -51.11
C GLY A 32 10.03 6.84 -51.13
N GLY A 33 10.81 5.86 -51.60
CA GLY A 33 10.28 4.49 -51.65
C GLY A 33 10.40 3.91 -50.26
N LEU A 34 11.22 4.55 -49.44
CA LEU A 34 11.40 4.07 -48.09
C LEU A 34 10.26 4.36 -47.14
N ILE A 35 10.13 3.52 -46.12
CA ILE A 35 9.15 3.77 -45.07
C ILE A 35 9.84 3.77 -43.70
N PHE A 36 9.77 4.88 -42.99
CA PHE A 36 10.40 4.97 -41.69
C PHE A 36 9.33 4.89 -40.63
N LEU A 37 9.58 4.09 -39.62
CA LEU A 37 8.62 3.91 -38.56
C LEU A 37 9.32 4.18 -37.24
N ASP A 38 8.76 5.04 -36.41
CA ASP A 38 9.40 5.24 -35.13
C ASP A 38 8.72 4.30 -34.14
N LEU A 39 9.47 3.30 -33.68
CA LEU A 39 8.99 2.31 -32.75
C LEU A 39 9.24 2.79 -31.35
N ARG A 40 8.20 2.80 -30.51
CA ARG A 40 8.45 3.22 -29.14
C ARG A 40 7.99 2.21 -28.11
N ASP A 41 8.69 2.25 -26.98
CA ASP A 41 8.36 1.50 -25.80
C ASP A 41 8.81 2.38 -24.65
N ARG A 42 8.66 1.95 -23.42
CA ARG A 42 9.01 2.85 -22.30
C ARG A 42 10.40 3.46 -22.21
N GLU A 43 11.39 2.89 -22.92
CA GLU A 43 12.74 3.43 -22.85
C GLU A 43 13.02 4.47 -23.95
N GLY A 44 12.02 4.76 -24.80
CA GLY A 44 12.22 5.73 -25.86
C GLY A 44 11.98 5.24 -27.30
N LEU A 45 12.24 6.11 -28.27
CA LEU A 45 12.05 5.80 -29.70
C LEU A 45 13.28 5.30 -30.41
N VAL A 46 13.06 4.56 -31.49
CA VAL A 46 14.14 4.07 -32.33
C VAL A 46 13.55 4.02 -33.73
N GLN A 47 14.32 4.52 -34.69
CA GLN A 47 13.86 4.53 -36.06
C GLN A 47 14.00 3.17 -36.74
N LEU A 48 12.93 2.71 -37.36
CA LEU A 48 12.95 1.46 -38.10
C LEU A 48 12.87 1.90 -39.58
N VAL A 49 13.49 1.12 -40.46
CA VAL A 49 13.50 1.46 -41.88
C VAL A 49 13.12 0.25 -42.69
N ALA A 50 12.15 0.42 -43.58
CA ALA A 50 11.77 -0.68 -44.42
C ALA A 50 12.03 -0.29 -45.87
N HIS A 51 12.75 -1.16 -46.57
CA HIS A 51 13.08 -0.93 -47.99
C HIS A 51 12.10 -1.80 -48.75
N PRO A 52 11.74 -1.41 -49.98
CA PRO A 52 10.79 -2.21 -50.76
C PRO A 52 11.22 -3.67 -50.98
N ALA A 53 12.53 -3.87 -51.02
CA ALA A 53 13.07 -5.20 -51.22
C ALA A 53 12.60 -6.09 -50.07
N SER A 54 12.83 -5.62 -48.84
CA SER A 54 12.47 -6.35 -47.63
C SER A 54 11.05 -6.90 -47.48
N PRO A 55 10.94 -8.12 -46.92
CA PRO A 55 9.63 -8.73 -46.72
C PRO A 55 8.78 -7.90 -45.72
N ALA A 56 9.43 -7.01 -44.97
CA ALA A 56 8.76 -6.16 -43.98
C ALA A 56 8.01 -4.96 -44.60
N TYR A 57 8.32 -4.64 -45.86
CA TYR A 57 7.71 -3.48 -46.49
C TYR A 57 6.18 -3.48 -46.53
N ALA A 58 5.59 -4.53 -47.08
CA ALA A 58 4.15 -4.60 -47.19
C ALA A 58 3.46 -4.25 -45.90
N THR A 59 4.04 -4.75 -44.80
CA THR A 59 3.48 -4.51 -43.47
C THR A 59 3.72 -3.08 -43.00
N ALA A 60 4.94 -2.60 -43.18
CA ALA A 60 5.27 -1.24 -42.78
C ALA A 60 4.41 -0.25 -43.55
N GLU A 61 3.91 -0.69 -44.70
CA GLU A 61 3.08 0.15 -45.54
C GLU A 61 1.69 0.31 -44.94
N ARG A 62 1.18 -0.77 -44.36
CA ARG A 62 -0.18 -0.80 -43.78
C ARG A 62 -0.36 -0.26 -42.35
N VAL A 63 0.75 -0.09 -41.65
CA VAL A 63 0.78 0.33 -40.25
C VAL A 63 0.36 1.76 -39.89
N ARG A 64 -0.33 1.91 -38.76
CA ARG A 64 -0.76 3.24 -38.31
C ARG A 64 -0.26 3.53 -36.89
N PRO A 65 -0.39 4.80 -36.45
CA PRO A 65 0.03 5.18 -35.11
C PRO A 65 -0.67 4.31 -34.06
N GLU A 66 0.04 4.06 -32.96
CA GLU A 66 -0.41 3.26 -31.82
C GLU A 66 -0.66 1.77 -32.10
N TRP A 67 -0.38 1.34 -33.33
CA TRP A 67 -0.46 -0.08 -33.62
C TRP A 67 0.71 -0.73 -32.89
N VAL A 68 0.50 -1.92 -32.36
CA VAL A 68 1.55 -2.65 -31.64
C VAL A 68 2.18 -3.62 -32.66
N VAL A 69 3.50 -3.63 -32.74
CA VAL A 69 4.20 -4.49 -33.69
C VAL A 69 5.46 -5.22 -33.15
N ARG A 70 5.81 -6.33 -33.78
CA ARG A 70 7.06 -7.03 -33.43
C ARG A 70 7.91 -6.74 -34.67
N ALA A 71 9.10 -6.22 -34.42
CA ALA A 71 10.02 -5.86 -35.50
C ALA A 71 11.37 -6.57 -35.37
N LYS A 72 11.86 -7.13 -36.48
CA LYS A 72 13.14 -7.83 -36.51
C LYS A 72 14.04 -7.14 -37.54
N GLY A 73 15.25 -6.80 -37.16
CA GLY A 73 16.11 -6.14 -38.12
C GLY A 73 17.54 -6.03 -37.66
N LEU A 74 18.36 -5.48 -38.54
CA LEU A 74 19.77 -5.29 -38.28
C LEU A 74 20.02 -3.84 -37.83
N VAL A 75 20.71 -3.65 -36.73
CA VAL A 75 20.98 -2.28 -36.32
C VAL A 75 22.12 -1.73 -37.18
N ARG A 76 21.92 -0.54 -37.74
CA ARG A 76 22.92 0.09 -38.57
C ARG A 76 23.12 1.54 -38.13
N LEU A 77 24.25 2.11 -38.48
CA LEU A 77 24.56 3.47 -38.10
C LEU A 77 23.80 4.46 -38.99
N ARG A 78 23.21 5.49 -38.39
CA ARG A 78 22.48 6.47 -39.18
C ARG A 78 23.48 7.36 -39.91
N PRO A 79 23.35 7.50 -41.24
CA PRO A 79 24.31 8.36 -41.92
C PRO A 79 24.12 9.80 -41.47
N GLU A 80 22.99 10.04 -40.82
CA GLU A 80 22.58 11.36 -40.34
C GLU A 80 22.10 11.22 -38.89
N PRO A 81 22.99 11.46 -37.93
CA PRO A 81 22.61 11.34 -36.53
C PRO A 81 21.57 12.38 -36.10
N ASN A 82 20.59 11.95 -35.32
CA ASN A 82 19.53 12.82 -34.80
C ASN A 82 19.88 13.10 -33.35
N PRO A 83 20.42 14.29 -33.07
CA PRO A 83 20.82 14.71 -31.72
C PRO A 83 19.74 14.76 -30.64
N ARG A 84 18.48 14.82 -31.06
CA ARG A 84 17.37 14.88 -30.08
C ARG A 84 16.89 13.54 -29.51
N LEU A 85 17.48 12.43 -29.97
CA LEU A 85 17.07 11.11 -29.50
C LEU A 85 18.22 10.30 -28.97
N ALA A 86 17.99 9.58 -27.89
CA ALA A 86 19.01 8.75 -27.26
C ALA A 86 19.45 7.65 -28.21
N THR A 87 18.58 7.27 -29.14
CA THR A 87 18.93 6.23 -30.12
C THR A 87 19.35 6.89 -31.43
N GLY A 88 19.48 8.21 -31.38
CA GLY A 88 19.81 9.05 -32.53
C GLY A 88 20.88 8.68 -33.53
N ARG A 89 21.90 7.98 -33.06
CA ARG A 89 23.01 7.55 -33.89
C ARG A 89 22.63 6.33 -34.73
N VAL A 90 21.62 5.59 -34.29
CA VAL A 90 21.27 4.36 -35.01
C VAL A 90 19.87 4.20 -35.57
N GLU A 91 19.65 3.09 -36.24
CA GLU A 91 18.35 2.79 -36.82
C GLU A 91 18.35 1.29 -37.09
N VAL A 92 17.18 0.73 -37.34
CA VAL A 92 17.10 -0.69 -37.57
C VAL A 92 16.59 -0.97 -38.98
N GLU A 93 17.37 -1.69 -39.77
CA GLU A 93 16.96 -2.03 -41.12
C GLU A 93 16.05 -3.23 -40.94
N LEU A 94 14.82 -3.14 -41.38
CA LEU A 94 13.89 -4.23 -41.15
C LEU A 94 13.92 -5.43 -42.09
N SER A 95 13.97 -6.61 -41.50
CA SER A 95 13.94 -7.86 -42.23
C SER A 95 12.56 -8.50 -42.05
N ALA A 96 11.86 -8.10 -40.98
CA ALA A 96 10.52 -8.61 -40.69
C ALA A 96 9.74 -7.61 -39.82
N LEU A 97 8.40 -7.69 -39.90
CA LEU A 97 7.50 -6.83 -39.14
C LEU A 97 6.11 -7.47 -39.05
N GLU A 98 5.65 -7.66 -37.83
CA GLU A 98 4.32 -8.25 -37.64
C GLU A 98 3.48 -7.33 -36.80
N VAL A 99 2.22 -7.19 -37.19
CA VAL A 99 1.28 -6.36 -36.42
C VAL A 99 0.64 -7.29 -35.38
N LEU A 100 0.74 -6.90 -34.10
CA LEU A 100 0.20 -7.66 -33.00
C LEU A 100 -1.15 -7.12 -32.57
N ALA A 101 -1.40 -5.86 -32.86
CA ALA A 101 -2.67 -5.27 -32.49
C ALA A 101 -2.82 -3.96 -33.24
N GLU A 102 -4.02 -3.67 -33.69
CA GLU A 102 -4.27 -2.44 -34.38
C GLU A 102 -4.82 -1.51 -33.34
N ALA A 103 -4.93 -0.23 -33.67
CA ALA A 103 -5.45 0.71 -32.68
C ALA A 103 -6.33 1.74 -33.35
N LYS A 104 -7.47 2.06 -32.75
CA LYS A 104 -8.30 3.15 -33.29
C LYS A 104 -7.48 4.44 -33.16
N THR A 105 -7.94 5.50 -33.80
CA THR A 105 -7.23 6.77 -33.72
C THR A 105 -7.42 7.37 -32.34
N PRO A 106 -6.33 7.67 -31.66
CA PRO A 106 -6.43 8.24 -30.32
C PRO A 106 -7.08 9.63 -30.24
N PRO A 107 -7.82 9.91 -29.17
CA PRO A 107 -8.45 11.23 -29.06
C PRO A 107 -7.51 12.38 -28.87
N PHE A 108 -6.22 12.10 -28.67
CA PHE A 108 -5.21 13.17 -28.55
C PHE A 108 -3.87 12.54 -28.83
N PRO A 109 -2.90 13.32 -29.29
CA PRO A 109 -1.58 12.73 -29.57
C PRO A 109 -0.77 12.36 -28.33
N VAL A 110 0.06 11.33 -28.45
CA VAL A 110 0.92 10.95 -27.36
C VAL A 110 2.36 10.82 -27.84
N ASP A 111 2.60 11.18 -29.10
CA ASP A 111 3.90 11.04 -29.74
C ASP A 111 4.91 12.13 -29.57
N ALA A 112 4.46 13.37 -29.47
CA ALA A 112 5.39 14.47 -29.41
C ALA A 112 6.43 14.32 -28.30
N GLY A 113 5.97 14.19 -27.07
CA GLY A 113 6.92 14.12 -25.96
C GLY A 113 8.05 13.14 -26.19
N TRP A 114 7.81 12.02 -26.86
CA TRP A 114 8.89 11.08 -27.03
C TRP A 114 9.99 11.57 -27.99
N ARG A 115 9.69 12.62 -28.75
CA ARG A 115 10.66 13.20 -29.68
C ARG A 115 11.26 14.44 -29.02
N GLY A 116 10.95 14.66 -27.75
CA GLY A 116 11.47 15.82 -27.08
C GLY A 116 10.67 17.06 -27.46
N GLU A 117 9.74 16.94 -28.39
CA GLU A 117 8.98 18.13 -28.74
C GLU A 117 7.95 18.43 -27.69
N GLU A 118 7.49 19.67 -27.73
CA GLU A 118 6.50 20.17 -26.80
C GLU A 118 5.11 19.62 -27.13
N GLU A 119 4.35 19.37 -26.08
CA GLU A 119 3.00 18.86 -26.20
C GLU A 119 1.95 19.91 -25.85
N LYS A 120 0.93 20.05 -26.70
CA LYS A 120 -0.14 20.98 -26.42
C LYS A 120 -0.95 20.26 -25.33
N GLU A 121 -1.35 20.98 -24.28
CA GLU A 121 -2.11 20.36 -23.20
C GLU A 121 -3.54 20.09 -23.72
N ALA A 122 -4.06 18.89 -23.46
CA ALA A 122 -5.42 18.55 -23.90
C ALA A 122 -6.29 18.76 -22.67
N SER A 123 -7.59 18.81 -22.85
CA SER A 123 -8.45 18.99 -21.70
C SER A 123 -8.26 17.83 -20.69
N GLU A 124 -8.06 18.20 -19.44
CA GLU A 124 -7.90 17.22 -18.37
C GLU A 124 -8.99 16.17 -18.34
N GLU A 125 -10.24 16.60 -18.48
CA GLU A 125 -11.35 15.66 -18.46
C GLU A 125 -11.13 14.62 -19.55
N LEU A 126 -10.65 15.06 -20.72
CA LEU A 126 -10.37 14.15 -21.82
C LEU A 126 -9.19 13.20 -21.46
N ARG A 127 -8.15 13.75 -20.84
CA ARG A 127 -6.98 12.97 -20.47
C ARG A 127 -7.42 11.94 -19.47
N LEU A 128 -8.28 12.36 -18.56
CA LEU A 128 -8.77 11.44 -17.57
C LEU A 128 -9.63 10.33 -18.16
N LYS A 129 -10.58 10.69 -19.01
CA LYS A 129 -11.44 9.69 -19.64
C LYS A 129 -10.61 8.62 -20.37
N TYR A 130 -9.50 9.00 -20.98
CA TYR A 130 -8.66 8.01 -21.66
C TYR A 130 -7.30 8.02 -20.95
N ARG A 131 -7.32 7.90 -19.63
CA ARG A 131 -6.09 7.93 -18.85
C ARG A 131 -5.03 6.94 -19.33
N TYR A 132 -5.45 5.76 -19.78
CA TYR A 132 -4.53 4.73 -20.25
C TYR A 132 -3.75 5.15 -21.47
N LEU A 133 -4.27 6.10 -22.22
CA LEU A 133 -3.56 6.63 -23.40
C LEU A 133 -2.74 7.82 -22.91
N ASP A 134 -3.27 8.58 -21.95
CA ASP A 134 -2.54 9.73 -21.41
C ASP A 134 -1.25 9.20 -20.77
N LEU A 135 -1.34 8.05 -20.14
CA LEU A 135 -0.15 7.51 -19.49
C LEU A 135 0.88 6.96 -20.45
N ARG A 136 0.61 7.10 -21.77
CA ARG A 136 1.55 6.68 -22.81
C ARG A 136 2.54 7.85 -23.07
N ARG A 137 2.18 9.06 -22.67
CA ARG A 137 3.06 10.21 -22.87
C ARG A 137 4.31 10.08 -22.02
N ARG A 138 5.44 10.54 -22.53
CA ARG A 138 6.69 10.46 -21.77
C ARG A 138 6.70 11.16 -20.43
N ARG A 139 6.14 12.36 -20.37
CA ARG A 139 6.08 13.10 -19.12
C ARG A 139 5.31 12.29 -18.05
N MET A 140 4.20 11.69 -18.45
CA MET A 140 3.39 10.95 -17.48
C MET A 140 4.12 9.74 -16.94
N GLN A 141 4.92 9.12 -17.80
CA GLN A 141 5.69 7.94 -17.41
C GLN A 141 6.85 8.34 -16.54
N GLU A 142 7.43 9.50 -16.84
CA GLU A 142 8.53 9.96 -16.03
C GLU A 142 8.00 10.21 -14.66
N ASN A 143 6.79 10.77 -14.57
CA ASN A 143 6.19 11.05 -13.26
C ASN A 143 5.98 9.77 -12.45
N LEU A 144 5.34 8.76 -13.07
CA LEU A 144 5.08 7.50 -12.36
C LEU A 144 6.38 6.78 -11.97
N ARG A 145 7.37 6.79 -12.87
CA ARG A 145 8.66 6.14 -12.58
C ARG A 145 9.40 6.91 -11.47
N LEU A 146 9.23 8.23 -11.45
CA LEU A 146 9.85 8.96 -10.34
C LEU A 146 9.12 8.58 -9.04
N ARG A 147 7.81 8.36 -9.10
CA ARG A 147 7.08 8.02 -7.89
C ARG A 147 7.63 6.71 -7.37
N HIS A 148 7.89 5.81 -8.31
CA HIS A 148 8.44 4.52 -7.97
C HIS A 148 9.79 4.68 -7.28
N ARG A 149 10.68 5.43 -7.91
CA ARG A 149 12.02 5.66 -7.41
C ARG A 149 11.99 6.27 -6.02
N VAL A 150 11.15 7.27 -5.81
CA VAL A 150 11.04 7.92 -4.50
C VAL A 150 10.62 6.94 -3.40
N ILE A 151 9.67 6.05 -3.69
CA ILE A 151 9.18 5.11 -2.68
C ILE A 151 10.23 4.04 -2.42
N LYS A 152 10.92 3.58 -3.47
CA LYS A 152 11.94 2.58 -3.23
C LYS A 152 13.04 3.21 -2.36
N ALA A 153 13.34 4.48 -2.59
CA ALA A 153 14.40 5.15 -1.83
C ALA A 153 13.99 5.28 -0.39
N ILE A 154 12.71 5.56 -0.16
CA ILE A 154 12.19 5.65 1.21
C ILE A 154 12.33 4.26 1.89
N TRP A 155 11.95 3.22 1.17
CA TRP A 155 12.06 1.89 1.76
C TRP A 155 13.50 1.58 2.09
N ASP A 156 14.43 1.88 1.15
CA ASP A 156 15.85 1.61 1.37
C ASP A 156 16.37 2.34 2.59
N PHE A 157 16.03 3.61 2.69
CA PHE A 157 16.49 4.40 3.81
C PHE A 157 15.90 3.97 5.17
N LEU A 158 14.58 3.80 5.25
CA LEU A 158 13.98 3.47 6.56
C LEU A 158 14.32 2.06 6.99
N ASP A 159 14.48 1.17 6.00
CA ASP A 159 14.82 -0.19 6.30
C ASP A 159 16.18 -0.17 6.96
N ARG A 160 17.11 0.57 6.38
CA ARG A 160 18.45 0.68 6.92
C ARG A 160 18.43 1.38 8.28
N GLU A 161 17.52 2.32 8.49
CA GLU A 161 17.43 2.98 9.81
C GLU A 161 16.66 2.15 10.83
N GLY A 162 16.32 0.92 10.48
CA GLY A 162 15.62 0.07 11.41
C GLY A 162 14.10 0.22 11.51
N PHE A 163 13.45 0.87 10.56
CA PHE A 163 12.00 0.99 10.67
C PHE A 163 11.27 -0.28 10.22
N VAL A 164 10.17 -0.59 10.89
CA VAL A 164 9.39 -1.75 10.48
C VAL A 164 8.22 -1.24 9.69
N GLN A 165 8.05 -1.73 8.46
CA GLN A 165 6.89 -1.34 7.65
C GLN A 165 5.70 -2.15 8.16
N VAL A 166 4.61 -1.48 8.54
CA VAL A 166 3.44 -2.21 9.00
C VAL A 166 2.16 -1.74 8.27
N GLU A 167 1.41 -2.68 7.71
CA GLU A 167 0.18 -2.34 7.02
C GLU A 167 -0.98 -2.31 8.01
N THR A 168 -1.66 -1.17 8.04
CA THR A 168 -2.76 -0.95 8.97
C THR A 168 -4.11 -1.13 8.29
N PRO A 169 -5.19 -1.30 9.07
CA PRO A 169 -6.52 -1.52 8.47
C PRO A 169 -7.15 -0.38 7.64
N PHE A 170 -7.99 -0.80 6.69
CA PHE A 170 -8.72 0.11 5.83
C PHE A 170 -10.19 0.13 6.25
N LEU A 171 -10.69 -1.03 6.70
CA LEU A 171 -12.08 -1.20 7.14
C LEU A 171 -11.98 -1.04 8.67
N THR A 172 -11.98 0.20 9.12
CA THR A 172 -11.79 0.42 10.53
C THR A 172 -12.77 1.41 11.23
N LYS A 173 -12.25 1.99 12.30
CA LYS A 173 -12.94 2.93 13.13
C LYS A 173 -12.50 4.30 12.68
N SER A 174 -13.39 5.27 12.85
CA SER A 174 -13.12 6.67 12.47
C SER A 174 -11.86 7.30 13.11
N THR A 175 -11.06 7.98 12.28
CA THR A 175 -9.83 8.67 12.75
C THR A 175 -10.04 10.18 12.53
N PRO A 176 -9.87 11.02 13.57
CA PRO A 176 -10.07 12.47 13.39
C PRO A 176 -8.87 13.24 12.80
N GLU A 177 -9.00 13.59 11.53
CA GLU A 177 -7.96 14.36 10.85
C GLU A 177 -8.55 15.67 10.35
N GLY A 178 -9.77 15.95 10.80
CA GLY A 178 -10.44 17.18 10.44
C GLY A 178 -11.43 17.05 9.30
N ALA A 179 -11.51 15.89 8.67
CA ALA A 179 -12.40 15.70 7.55
C ALA A 179 -13.59 14.78 7.86
N ARG A 180 -14.42 14.52 6.85
CA ARG A 180 -15.59 13.64 6.97
C ARG A 180 -15.17 12.19 6.58
N ASP A 181 -15.80 11.16 7.14
CA ASP A 181 -15.37 9.79 6.80
C ASP A 181 -16.14 9.22 5.66
N PHE A 182 -15.48 8.42 4.84
CA PHE A 182 -16.16 7.69 3.79
C PHE A 182 -16.63 6.44 4.54
N LEU A 183 -17.87 6.00 4.32
CA LEU A 183 -18.35 4.83 5.03
C LEU A 183 -18.50 3.64 4.10
N VAL A 184 -18.48 2.45 4.71
CA VAL A 184 -18.57 1.17 3.99
C VAL A 184 -19.62 0.33 4.72
N PRO A 185 -20.80 0.12 4.10
CA PRO A 185 -21.79 -0.69 4.81
C PRO A 185 -21.38 -2.13 5.12
N TYR A 186 -21.72 -2.55 6.33
CA TYR A 186 -21.45 -3.89 6.84
C TYR A 186 -22.71 -4.70 6.62
N ARG A 187 -22.67 -5.58 5.63
CA ARG A 187 -23.80 -6.39 5.26
C ARG A 187 -24.58 -7.21 6.31
N HIS A 188 -23.90 -7.86 7.24
CA HIS A 188 -24.63 -8.68 8.20
C HIS A 188 -25.42 -7.97 9.28
N GLU A 189 -25.27 -6.67 9.36
CA GLU A 189 -26.07 -5.92 10.32
C GLU A 189 -26.28 -4.51 9.81
N PRO A 190 -27.32 -4.34 8.98
CA PRO A 190 -27.64 -3.02 8.43
C PRO A 190 -27.66 -1.98 9.54
N GLY A 191 -27.01 -0.85 9.28
CA GLY A 191 -26.92 0.20 10.28
C GLY A 191 -25.51 0.30 10.78
N LEU A 192 -24.75 -0.80 10.63
CA LEU A 192 -23.34 -0.82 11.05
C LEU A 192 -22.46 -0.47 9.85
N PHE A 193 -21.45 0.34 10.08
CA PHE A 193 -20.53 0.75 9.02
C PHE A 193 -19.08 0.69 9.44
N TYR A 194 -18.21 0.54 8.44
CA TYR A 194 -16.78 0.59 8.69
C TYR A 194 -16.52 1.98 8.18
N ALA A 195 -15.42 2.56 8.59
CA ALA A 195 -15.03 3.87 8.12
C ALA A 195 -13.68 3.68 7.40
N LEU A 196 -13.48 4.28 6.24
CA LEU A 196 -12.17 4.17 5.62
C LEU A 196 -11.34 5.10 6.50
N PRO A 197 -10.04 4.80 6.65
CA PRO A 197 -9.21 5.66 7.51
C PRO A 197 -8.80 7.00 6.95
N GLN A 198 -8.92 8.03 7.79
CA GLN A 198 -8.45 9.36 7.40
C GLN A 198 -6.92 9.39 7.49
N SER A 199 -6.38 8.49 8.29
CA SER A 199 -4.95 8.32 8.46
C SER A 199 -4.74 7.09 9.34
N PRO A 200 -3.50 6.61 9.47
CA PRO A 200 -3.25 5.42 10.34
C PRO A 200 -2.94 5.85 11.80
N GLN A 201 -3.06 7.15 12.08
CA GLN A 201 -2.74 7.72 13.41
C GLN A 201 -2.84 6.82 14.66
N LEU A 202 -4.06 6.46 15.05
CA LEU A 202 -4.24 5.63 16.24
C LEU A 202 -3.55 4.28 16.12
N PHE A 203 -3.48 3.69 14.92
CA PHE A 203 -2.80 2.41 14.76
C PHE A 203 -1.26 2.55 14.92
N LYS A 204 -0.66 3.58 14.32
CA LYS A 204 0.79 3.70 14.48
C LYS A 204 1.19 3.97 15.94
N GLN A 205 0.33 4.64 16.71
CA GLN A 205 0.62 4.89 18.12
C GLN A 205 0.53 3.57 18.90
N MET A 206 -0.45 2.74 18.50
CA MET A 206 -0.65 1.45 19.15
C MET A 206 0.51 0.54 18.80
N LEU A 207 1.12 0.78 17.64
CA LEU A 207 2.26 -0.01 17.25
C LEU A 207 3.45 0.39 18.18
N MET A 208 3.43 1.63 18.67
CA MET A 208 4.49 2.12 19.56
C MET A 208 4.26 1.53 20.96
N VAL A 209 3.00 1.50 21.39
CA VAL A 209 2.63 0.90 22.67
C VAL A 209 2.99 -0.63 22.63
N ALA A 210 2.98 -1.20 21.42
CA ALA A 210 3.27 -2.63 21.23
C ALA A 210 4.75 -2.95 21.22
N GLY A 211 5.59 -1.93 21.30
CA GLY A 211 6.99 -2.20 21.36
C GLY A 211 7.74 -2.32 20.06
N LEU A 212 7.12 -1.93 18.95
CA LEU A 212 7.82 -1.96 17.69
C LEU A 212 8.31 -0.55 17.79
N ASP A 213 9.57 -0.37 18.08
CA ASP A 213 10.18 0.95 18.29
C ASP A 213 9.97 2.04 17.20
N ARG A 214 10.00 1.65 15.94
CA ARG A 214 9.83 2.61 14.85
C ARG A 214 9.09 1.91 13.70
N TYR A 215 8.10 2.64 13.17
CA TYR A 215 7.20 2.17 12.12
C TYR A 215 7.05 3.12 10.90
N PHE A 216 6.75 2.58 9.72
CA PHE A 216 6.43 3.40 8.53
C PHE A 216 5.48 2.63 7.61
N GLN A 217 4.90 3.37 6.66
CA GLN A 217 3.94 2.79 5.76
C GLN A 217 3.66 3.80 4.69
N ILE A 218 3.49 3.35 3.46
CA ILE A 218 3.08 4.25 2.39
C ILE A 218 1.56 4.00 2.55
N ALA A 219 0.93 4.82 3.37
CA ALA A 219 -0.47 4.68 3.71
C ALA A 219 -1.47 5.43 2.82
N ARG A 220 -2.56 4.77 2.44
CA ARG A 220 -3.55 5.45 1.63
C ARG A 220 -4.54 6.03 2.64
N CYS A 221 -4.83 7.31 2.51
CA CYS A 221 -5.76 7.99 3.43
C CYS A 221 -7.01 8.42 2.67
N PHE A 222 -8.14 8.43 3.36
CA PHE A 222 -9.39 8.79 2.73
C PHE A 222 -10.10 9.86 3.51
N ARG A 223 -10.45 10.92 2.80
CA ARG A 223 -11.12 12.05 3.44
C ARG A 223 -12.15 12.58 2.48
N ASP A 224 -13.40 12.51 2.94
CA ASP A 224 -14.51 13.02 2.15
C ASP A 224 -14.61 14.52 2.43
N GLU A 225 -13.75 15.32 1.79
CA GLU A 225 -13.73 16.78 1.98
C GLU A 225 -13.69 17.52 0.64
N ASP A 226 -13.76 18.86 0.70
CA ASP A 226 -13.71 19.68 -0.51
C ASP A 226 -12.42 19.41 -1.26
N LEU A 227 -12.55 19.15 -2.56
CA LEU A 227 -11.40 18.82 -3.40
C LEU A 227 -10.86 19.97 -4.25
N ARG A 228 -9.54 19.98 -4.42
CA ARG A 228 -8.81 20.98 -5.22
C ARG A 228 -7.50 20.36 -5.72
N ALA A 229 -6.77 21.11 -6.54
CA ALA A 229 -5.50 20.64 -7.15
C ALA A 229 -4.47 20.01 -6.20
N ASP A 230 -4.65 20.18 -4.90
CA ASP A 230 -3.72 19.61 -3.91
C ASP A 230 -4.47 18.65 -2.99
N ARG A 231 -5.66 18.26 -3.46
CA ARG A 231 -6.55 17.37 -2.74
C ARG A 231 -7.30 16.33 -3.57
N GLN A 232 -7.13 15.06 -3.18
CA GLN A 232 -7.83 13.96 -3.80
C GLN A 232 -8.58 13.29 -2.65
N PRO A 233 -9.74 12.67 -2.94
CA PRO A 233 -10.44 12.05 -1.81
C PRO A 233 -9.71 10.81 -1.28
N ASP A 234 -8.79 10.30 -2.10
CA ASP A 234 -8.07 9.08 -1.75
C ASP A 234 -6.65 9.45 -2.06
N PHE A 235 -5.83 9.60 -1.01
CA PHE A 235 -4.44 9.99 -1.19
C PHE A 235 -3.41 9.20 -0.38
N THR A 236 -2.14 9.46 -0.67
CA THR A 236 -1.04 8.74 -0.07
C THR A 236 -0.14 9.52 0.84
N GLN A 237 0.18 8.93 1.98
CA GLN A 237 1.14 9.62 2.82
C GLN A 237 2.26 8.70 3.21
N LEU A 238 3.43 9.29 3.44
CA LEU A 238 4.53 8.47 3.93
C LEU A 238 4.30 8.65 5.41
N ASP A 239 3.68 7.67 6.04
CA ASP A 239 3.35 7.74 7.46
C ASP A 239 4.49 7.15 8.31
N LEU A 240 4.83 7.78 9.44
CA LEU A 240 5.95 7.31 10.24
C LEU A 240 5.82 7.65 11.72
N GLU A 241 6.31 6.76 12.58
CA GLU A 241 6.27 6.95 14.04
C GLU A 241 7.52 6.37 14.65
N MET A 242 8.01 7.00 15.72
CA MET A 242 9.20 6.56 16.45
C MET A 242 8.95 6.63 17.95
N SER A 243 9.67 5.79 18.69
CA SER A 243 9.57 5.74 20.16
C SER A 243 10.79 6.34 20.85
N PHE A 244 10.55 6.85 22.05
CA PHE A 244 11.63 7.42 22.82
C PHE A 244 12.36 8.53 22.10
N VAL A 245 11.62 9.41 21.45
CA VAL A 245 12.21 10.51 20.69
C VAL A 245 11.70 11.86 21.17
N GLU A 246 12.38 12.91 20.73
CA GLU A 246 11.95 14.25 21.06
C GLU A 246 11.86 14.91 19.70
N VAL A 247 11.22 16.06 19.65
CA VAL A 247 11.09 16.79 18.41
C VAL A 247 12.32 16.69 17.50
N GLU A 248 13.49 17.01 18.05
CA GLU A 248 14.72 16.99 17.28
C GLU A 248 15.02 15.69 16.58
N ASP A 249 14.73 14.57 17.25
CA ASP A 249 15.02 13.26 16.69
C ASP A 249 14.19 13.01 15.43
N VAL A 250 12.92 13.39 15.47
CA VAL A 250 12.02 13.23 14.35
C VAL A 250 12.49 14.10 13.18
N LEU A 251 12.64 15.40 13.40
CA LEU A 251 13.07 16.32 12.35
C LEU A 251 14.43 15.89 11.80
N GLU A 252 15.36 15.52 12.67
CA GLU A 252 16.66 15.10 12.16
C GLU A 252 16.46 13.86 11.27
N LEU A 253 15.64 12.91 11.72
CA LEU A 253 15.43 11.70 10.90
C LEU A 253 14.83 12.07 9.51
N ASN A 254 13.82 12.94 9.54
CA ASN A 254 13.17 13.34 8.31
C ASN A 254 14.04 14.04 7.29
N GLU A 255 14.96 14.88 7.74
CA GLU A 255 15.85 15.59 6.84
C GLU A 255 16.84 14.65 6.17
N ARG A 256 17.41 13.72 6.91
CA ARG A 256 18.34 12.82 6.27
C ARG A 256 17.55 11.98 5.25
N LEU A 257 16.32 11.62 5.61
CA LEU A 257 15.48 10.83 4.73
C LEU A 257 15.14 11.61 3.45
N MET A 258 14.72 12.86 3.62
CA MET A 258 14.34 13.71 2.48
C MET A 258 15.54 13.96 1.55
N ALA A 259 16.71 14.19 2.15
CA ALA A 259 17.92 14.39 1.35
C ALA A 259 18.29 13.09 0.66
N HIS A 260 18.03 11.94 1.29
CA HIS A 260 18.35 10.68 0.61
C HIS A 260 17.44 10.55 -0.61
N VAL A 261 16.17 10.90 -0.43
CA VAL A 261 15.20 10.84 -1.52
C VAL A 261 15.55 11.78 -2.69
N PHE A 262 15.96 13.02 -2.38
CA PHE A 262 16.29 13.95 -3.45
C PHE A 262 17.57 13.56 -4.16
N ARG A 263 18.52 13.00 -3.41
CA ARG A 263 19.76 12.57 -4.02
C ARG A 263 19.42 11.43 -4.98
N GLU A 264 18.71 10.43 -4.48
CA GLU A 264 18.33 9.30 -5.30
C GLU A 264 17.38 9.53 -6.49
N ALA A 265 16.33 10.30 -6.30
CA ALA A 265 15.36 10.48 -7.35
C ALA A 265 15.65 11.61 -8.33
N LEU A 266 16.25 12.68 -7.83
CA LEU A 266 16.53 13.83 -8.65
C LEU A 266 18.00 14.12 -8.80
N GLY A 267 18.83 13.47 -7.99
CA GLY A 267 20.27 13.73 -8.07
C GLY A 267 20.52 15.15 -7.60
N VAL A 268 19.68 15.61 -6.69
CA VAL A 268 19.79 16.96 -6.15
C VAL A 268 20.29 16.85 -4.70
N GLU A 269 21.21 17.71 -4.29
CA GLU A 269 21.71 17.65 -2.92
C GLU A 269 21.04 18.68 -2.05
N LEU A 270 20.33 18.24 -1.04
CA LEU A 270 19.68 19.20 -0.16
C LEU A 270 20.63 19.60 0.96
N PRO A 271 20.84 20.91 1.13
CA PRO A 271 21.74 21.34 2.20
C PRO A 271 21.01 21.13 3.53
N LEU A 272 21.71 20.53 4.49
CA LEU A 272 21.12 20.26 5.81
C LEU A 272 21.80 21.04 6.96
N PRO A 273 21.06 21.34 8.03
CA PRO A 273 19.66 21.01 8.26
C PRO A 273 18.79 22.04 7.60
N PHE A 274 17.49 21.78 7.57
CA PHE A 274 16.51 22.68 6.97
C PHE A 274 16.29 23.90 7.84
N PRO A 275 15.97 25.04 7.21
CA PRO A 275 15.74 26.22 8.06
C PRO A 275 14.53 25.95 8.96
N ARG A 276 14.41 26.72 10.03
CA ARG A 276 13.33 26.56 10.98
C ARG A 276 12.67 27.90 11.30
N LEU A 277 11.35 27.92 11.41
CA LEU A 277 10.64 29.15 11.76
C LEU A 277 9.50 28.82 12.72
N SER A 278 9.39 29.59 13.79
CA SER A 278 8.34 29.39 14.76
C SER A 278 7.06 29.73 14.02
N TYR A 279 5.94 29.27 14.50
CA TYR A 279 4.68 29.58 13.86
C TYR A 279 4.43 31.09 13.90
N GLU A 280 4.97 31.78 14.89
CA GLU A 280 4.74 33.22 14.98
C GLU A 280 5.48 34.03 13.93
N GLU A 281 6.79 33.84 13.82
CA GLU A 281 7.61 34.56 12.84
C GLU A 281 7.30 34.17 11.41
N ALA A 282 6.76 32.98 11.20
CA ALA A 282 6.38 32.56 9.87
C ALA A 282 5.09 33.34 9.54
N MET A 283 4.24 33.51 10.55
CA MET A 283 2.99 34.26 10.41
C MET A 283 3.29 35.76 10.36
N GLU A 284 4.41 36.14 10.99
CA GLU A 284 4.83 37.54 11.04
C GLU A 284 5.49 37.94 9.73
N ARG A 285 6.56 37.24 9.41
CA ARG A 285 7.33 37.51 8.24
C ARG A 285 6.74 37.07 6.89
N TYR A 286 5.59 36.36 6.88
CA TYR A 286 4.98 35.94 5.59
C TYR A 286 3.44 35.75 5.60
N GLY A 287 2.78 36.00 6.72
CA GLY A 287 1.33 35.86 6.77
C GLY A 287 0.82 34.48 6.40
N SER A 288 1.61 33.45 6.72
CA SER A 288 1.24 32.09 6.39
C SER A 288 2.13 31.10 7.14
N ASP A 289 1.58 29.92 7.44
CA ASP A 289 2.36 28.89 8.15
C ASP A 289 3.05 27.90 7.18
N LYS A 290 2.99 28.22 5.89
CA LYS A 290 3.65 27.43 4.87
C LYS A 290 4.30 28.47 3.96
N PRO A 291 5.32 29.14 4.48
CA PRO A 291 6.08 30.17 3.78
C PRO A 291 6.73 29.66 2.50
N ASP A 292 6.69 30.50 1.47
CA ASP A 292 7.33 30.20 0.20
C ASP A 292 8.66 30.96 0.27
N LEU A 293 9.75 30.25 0.57
CA LEU A 293 11.06 30.88 0.69
C LEU A 293 11.90 30.95 -0.58
N ARG A 294 11.26 30.88 -1.74
CA ARG A 294 11.97 30.96 -3.02
C ARG A 294 12.21 32.44 -3.33
N PHE A 295 11.77 33.29 -2.41
CA PHE A 295 11.94 34.72 -2.54
C PHE A 295 11.75 35.53 -1.26
N GLY A 296 12.47 36.65 -1.16
CA GLY A 296 12.34 37.53 -0.02
C GLY A 296 10.95 38.18 0.08
N LEU A 297 10.93 39.51 0.05
CA LEU A 297 9.71 40.31 0.16
C LEU A 297 9.11 40.12 1.56
N GLU A 298 9.98 39.85 2.55
CA GLU A 298 9.53 39.60 3.92
C GLU A 298 8.62 40.72 4.42
N LEU A 299 7.63 40.33 5.24
CA LEU A 299 6.72 41.30 5.81
C LEU A 299 7.40 41.99 6.99
N LYS A 300 7.12 43.28 7.16
CA LYS A 300 7.68 44.08 8.25
C LYS A 300 6.58 44.85 8.95
N GLU A 301 6.64 44.90 10.28
CA GLU A 301 5.65 45.65 11.03
C GLU A 301 6.17 47.08 11.06
N VAL A 302 5.34 48.00 10.57
CA VAL A 302 5.67 49.41 10.56
C VAL A 302 4.55 50.22 11.19
N GLY A 303 3.68 49.53 11.94
CA GLY A 303 2.58 50.21 12.61
C GLY A 303 3.06 51.29 13.57
N PRO A 304 4.16 51.04 14.34
CA PRO A 304 4.64 52.08 15.27
C PRO A 304 4.89 53.37 14.47
N LEU A 305 5.61 53.25 13.35
CA LEU A 305 5.94 54.38 12.48
C LEU A 305 4.76 55.27 12.06
N PHE A 306 3.54 54.73 12.14
CA PHE A 306 2.34 55.46 11.75
C PHE A 306 1.33 55.54 12.92
N ARG A 307 1.83 55.87 14.11
CA ARG A 307 0.98 55.99 15.29
C ARG A 307 0.36 57.39 15.34
N GLN A 308 0.95 58.32 14.59
CA GLN A 308 0.48 59.70 14.53
C GLN A 308 0.66 60.20 13.09
N SER A 309 0.05 59.49 12.13
CA SER A 309 0.19 59.88 10.71
C SER A 309 -1.06 60.39 10.01
N GLY A 310 -0.83 61.30 9.06
CA GLY A 310 -1.89 61.91 8.29
C GLY A 310 -3.02 60.98 7.93
N PHE A 311 -2.78 59.79 7.34
CA PHE A 311 -3.98 59.03 7.09
C PHE A 311 -4.44 58.02 8.13
N ARG A 312 -5.75 58.10 8.40
CA ARG A 312 -6.46 57.28 9.36
C ARG A 312 -6.31 55.75 9.33
N VAL A 313 -6.15 55.17 8.15
CA VAL A 313 -6.01 53.72 8.02
C VAL A 313 -4.76 53.15 8.70
N PHE A 314 -3.63 53.83 8.53
CA PHE A 314 -2.36 53.45 9.12
C PHE A 314 -2.25 54.03 10.53
N GLN A 315 -3.25 54.80 10.91
CA GLN A 315 -3.32 55.47 12.21
C GLN A 315 -4.17 54.71 13.23
N GLU A 316 -5.36 54.31 12.78
CA GLU A 316 -6.33 53.58 13.58
C GLU A 316 -6.03 52.08 13.67
N ALA A 317 -5.40 51.56 12.62
CA ALA A 317 -5.07 50.13 12.54
C ALA A 317 -4.09 49.61 13.59
N GLU A 318 -4.42 48.43 14.13
CA GLU A 318 -3.59 47.72 15.13
C GLU A 318 -2.18 47.61 14.54
N SER A 319 -2.07 46.89 13.43
CA SER A 319 -0.80 46.71 12.75
C SER A 319 -0.86 47.03 11.28
N VAL A 320 0.23 47.60 10.79
CA VAL A 320 0.35 47.91 9.38
C VAL A 320 1.59 47.17 8.90
N LYS A 321 1.39 46.21 8.01
CA LYS A 321 2.53 45.48 7.49
C LYS A 321 2.86 45.91 6.07
N ALA A 322 4.16 46.00 5.83
CA ALA A 322 4.67 46.45 4.56
C ALA A 322 5.87 45.62 4.08
N LEU A 323 5.96 45.46 2.77
CA LEU A 323 7.07 44.73 2.15
C LEU A 323 7.57 45.50 0.93
N ALA A 324 8.75 45.14 0.46
CA ALA A 324 9.34 45.84 -0.69
C ALA A 324 9.55 45.01 -1.98
N LEU A 325 8.88 45.44 -3.05
CA LEU A 325 8.98 44.82 -4.37
C LEU A 325 10.22 45.39 -5.06
N PRO A 326 10.99 44.55 -5.77
CA PRO A 326 12.20 44.98 -6.46
C PRO A 326 11.92 45.59 -7.83
N LYS A 327 10.67 45.45 -8.27
CA LYS A 327 10.22 45.98 -9.55
C LYS A 327 8.88 46.69 -9.34
N ALA A 328 8.48 47.45 -10.36
CA ALA A 328 7.23 48.20 -10.31
C ALA A 328 6.02 47.38 -10.71
N LEU A 329 4.87 47.78 -10.20
CA LEU A 329 3.62 47.09 -10.51
C LEU A 329 2.75 47.95 -11.44
N SER A 330 2.19 47.33 -12.49
CA SER A 330 1.33 48.06 -13.41
C SER A 330 0.09 48.41 -12.60
N ARG A 331 -0.78 49.28 -13.13
CA ARG A 331 -1.96 49.62 -12.35
C ARG A 331 -3.14 48.65 -12.42
N LYS A 332 -2.97 47.61 -13.21
CA LYS A 332 -3.99 46.58 -13.34
C LYS A 332 -3.57 45.52 -12.34
N GLU A 333 -2.25 45.42 -12.15
CA GLU A 333 -1.61 44.51 -11.21
C GLU A 333 -1.91 45.01 -9.80
N VAL A 334 -1.63 46.30 -9.59
CA VAL A 334 -1.88 46.94 -8.31
C VAL A 334 -3.35 46.70 -7.96
N ALA A 335 -4.23 46.76 -8.95
CA ALA A 335 -5.68 46.56 -8.76
C ALA A 335 -5.97 45.12 -8.33
N GLU A 336 -5.20 44.20 -8.90
CA GLU A 336 -5.30 42.77 -8.61
C GLU A 336 -4.87 42.50 -7.18
N LEU A 337 -3.61 42.84 -6.88
CA LEU A 337 -3.10 42.63 -5.55
C LEU A 337 -4.09 43.20 -4.55
N GLU A 338 -4.71 44.33 -4.92
CA GLU A 338 -5.70 44.99 -4.06
C GLU A 338 -6.90 44.06 -3.86
N GLU A 339 -7.30 43.40 -4.93
CA GLU A 339 -8.42 42.47 -4.89
C GLU A 339 -8.05 41.30 -3.99
N VAL A 340 -6.78 40.88 -4.07
CA VAL A 340 -6.26 39.77 -3.26
C VAL A 340 -6.38 40.11 -1.78
N ALA A 341 -5.88 41.28 -1.41
CA ALA A 341 -5.91 41.75 -0.03
C ALA A 341 -7.34 41.83 0.56
N LYS A 342 -8.32 42.06 -0.29
CA LYS A 342 -9.69 42.17 0.17
C LYS A 342 -10.40 40.81 0.24
N ARG A 343 -9.79 39.79 -0.36
CA ARG A 343 -10.37 38.46 -0.35
C ARG A 343 -9.92 37.85 0.98
N HIS A 344 -8.97 38.53 1.62
CA HIS A 344 -8.40 38.09 2.90
C HIS A 344 -8.79 38.95 4.10
N LYS A 345 -9.98 39.55 4.04
CA LYS A 345 -10.52 40.38 5.13
C LYS A 345 -9.88 41.75 5.40
N ALA A 346 -8.90 42.18 4.60
CA ALA A 346 -8.28 43.50 4.81
C ALA A 346 -9.02 44.57 4.01
N GLN A 347 -9.12 45.77 4.57
CA GLN A 347 -9.81 46.89 3.89
C GLN A 347 -9.31 47.16 2.46
N GLY A 348 -7.99 47.23 2.32
CA GLY A 348 -7.40 47.47 1.03
C GLY A 348 -5.89 47.37 1.10
N LEU A 349 -5.25 47.76 0.00
CA LEU A 349 -3.79 47.71 -0.12
C LEU A 349 -3.29 49.12 -0.42
N ALA A 350 -2.03 49.38 -0.06
CA ALA A 350 -1.43 50.69 -0.30
C ALA A 350 -0.05 50.47 -0.90
N TRP A 351 0.48 51.48 -1.55
CA TRP A 351 1.80 51.39 -2.16
C TRP A 351 2.40 52.78 -2.46
N ALA A 352 3.70 52.77 -2.76
CA ALA A 352 4.43 54.00 -3.10
C ALA A 352 5.75 53.58 -3.73
N ARG A 353 6.31 54.45 -4.55
CA ARG A 353 7.58 54.19 -5.21
C ARG A 353 8.70 54.67 -4.32
N VAL A 354 9.80 53.93 -4.30
CA VAL A 354 10.92 54.37 -3.51
C VAL A 354 11.91 54.98 -4.48
N GLU A 355 11.91 56.31 -4.53
CA GLU A 355 12.81 57.08 -5.38
C GLU A 355 14.24 57.15 -4.81
N GLU A 356 15.10 57.90 -5.51
CA GLU A 356 16.49 58.06 -5.13
C GLU A 356 16.79 59.10 -4.04
N GLY A 357 15.75 59.48 -3.30
CA GLY A 357 15.85 60.45 -2.24
C GLY A 357 14.47 60.78 -1.72
N GLY A 358 13.46 60.05 -2.18
CA GLY A 358 12.10 60.29 -1.75
C GLY A 358 11.10 59.19 -2.09
N PHE A 359 9.85 59.59 -2.33
CA PHE A 359 8.78 58.66 -2.68
C PHE A 359 7.93 59.31 -3.78
N SER A 360 7.05 58.53 -4.42
CA SER A 360 6.28 59.08 -5.55
C SER A 360 4.75 58.98 -5.60
N GLY A 361 4.25 57.77 -5.79
CA GLY A 361 2.81 57.60 -5.91
C GLY A 361 2.15 56.96 -4.73
N GLY A 362 0.84 56.79 -4.84
CA GLY A 362 0.04 56.19 -3.79
C GLY A 362 0.09 57.04 -2.52
N VAL A 363 0.61 56.47 -1.44
CA VAL A 363 0.69 57.12 -0.14
C VAL A 363 2.10 57.67 0.18
N ALA A 364 2.85 58.06 -0.86
CA ALA A 364 4.21 58.59 -0.70
C ALA A 364 4.30 59.82 0.18
N LYS A 365 3.23 60.63 0.17
CA LYS A 365 3.13 61.84 0.97
C LYS A 365 3.30 61.54 2.47
N PHE A 366 2.61 60.49 2.94
CA PHE A 366 2.65 60.09 4.35
C PHE A 366 3.89 59.30 4.75
N LEU A 367 4.69 58.93 3.76
CA LEU A 367 5.91 58.17 4.03
C LEU A 367 7.09 59.11 4.23
N GLU A 368 7.08 60.24 3.52
CA GLU A 368 8.14 61.26 3.60
C GLU A 368 8.43 61.67 5.06
N PRO A 369 7.38 61.88 5.87
CA PRO A 369 7.57 62.27 7.27
C PRO A 369 8.19 61.18 8.15
N VAL A 370 8.63 60.07 7.54
CA VAL A 370 9.23 58.95 8.29
C VAL A 370 10.22 58.20 7.40
N ARG A 371 10.50 58.77 6.24
CA ARG A 371 11.40 58.18 5.24
C ARG A 371 12.60 57.38 5.74
N GLU A 372 13.42 57.96 6.61
CA GLU A 372 14.62 57.24 7.06
C GLU A 372 14.39 56.17 8.13
N ALA A 373 13.19 56.13 8.71
CA ALA A 373 12.87 55.11 9.71
C ALA A 373 12.21 53.95 8.97
N LEU A 374 11.39 54.30 7.97
CA LEU A 374 10.65 53.36 7.12
C LEU A 374 11.56 52.63 6.13
N LEU A 375 12.51 53.35 5.56
CA LEU A 375 13.47 52.79 4.62
C LEU A 375 14.51 51.95 5.36
N GLN A 376 14.58 52.14 6.68
CA GLN A 376 15.50 51.38 7.51
C GLN A 376 14.80 50.04 7.79
N ALA A 377 13.55 50.13 8.23
CA ALA A 377 12.73 48.94 8.54
C ALA A 377 12.52 48.01 7.35
N THR A 378 12.34 48.59 6.16
CA THR A 378 12.08 47.81 4.95
C THR A 378 13.34 47.45 4.16
N GLU A 379 14.37 48.28 4.25
CA GLU A 379 15.62 48.04 3.52
C GLU A 379 15.39 48.35 2.04
N ALA A 380 14.26 48.99 1.76
CA ALA A 380 13.86 49.34 0.41
C ALA A 380 14.88 50.26 -0.27
N ARG A 381 15.21 49.93 -1.53
CA ARG A 381 16.17 50.70 -2.32
C ARG A 381 15.45 51.63 -3.33
N PRO A 382 16.21 52.30 -4.21
CA PRO A 382 15.55 53.18 -5.19
C PRO A 382 15.21 52.27 -6.36
N GLY A 383 13.95 52.29 -6.80
CA GLY A 383 13.56 51.43 -7.90
C GLY A 383 12.63 50.33 -7.43
N ASP A 384 12.36 50.35 -6.12
CA ASP A 384 11.45 49.39 -5.47
C ASP A 384 10.12 50.10 -5.32
N THR A 385 9.13 49.37 -4.87
CA THR A 385 7.83 49.94 -4.61
C THR A 385 7.40 49.24 -3.33
N LEU A 386 6.95 50.01 -2.35
CA LEU A 386 6.52 49.43 -1.09
C LEU A 386 5.02 49.09 -1.15
N LEU A 387 4.62 47.96 -0.58
CA LEU A 387 3.22 47.55 -0.54
C LEU A 387 2.80 47.50 0.91
N PHE A 388 1.62 48.04 1.22
CA PHE A 388 1.13 48.08 2.60
C PHE A 388 -0.31 47.59 2.76
N VAL A 389 -0.56 47.02 3.93
CA VAL A 389 -1.90 46.56 4.34
C VAL A 389 -1.97 46.73 5.85
N ALA A 390 -3.00 47.45 6.27
CA ALA A 390 -3.21 47.72 7.67
C ALA A 390 -4.45 47.00 8.14
N GLY A 391 -4.67 47.05 9.44
CA GLY A 391 -5.84 46.41 9.99
C GLY A 391 -5.39 45.68 11.21
N PRO A 392 -6.23 44.76 11.70
CA PRO A 392 -5.88 44.01 12.89
C PRO A 392 -4.44 43.45 12.82
N ARG A 393 -4.26 42.34 13.50
CA ARG A 393 -3.00 41.62 13.62
C ARG A 393 -2.85 40.57 12.51
N LYS A 394 -3.59 39.47 12.71
CA LYS A 394 -3.65 38.34 11.82
C LYS A 394 -3.97 38.77 10.40
N VAL A 395 -5.06 39.52 10.23
CA VAL A 395 -5.47 39.98 8.90
C VAL A 395 -4.42 40.79 8.14
N ALA A 396 -3.67 41.64 8.84
CA ALA A 396 -2.63 42.44 8.19
C ALA A 396 -1.56 41.49 7.67
N ALA A 397 -1.21 40.50 8.48
CA ALA A 397 -0.20 39.53 8.07
C ALA A 397 -0.70 38.54 7.02
N THR A 398 -1.88 37.94 7.21
CA THR A 398 -2.35 37.00 6.19
C THR A 398 -2.58 37.67 4.85
N ALA A 399 -3.35 38.76 4.84
CA ALA A 399 -3.63 39.47 3.59
C ALA A 399 -2.37 39.90 2.84
N LEU A 400 -1.45 40.60 3.50
CA LEU A 400 -0.23 41.04 2.83
C LEU A 400 0.66 39.82 2.59
N GLY A 401 0.28 38.69 3.20
CA GLY A 401 1.01 37.46 2.99
C GLY A 401 0.57 36.84 1.65
N ALA A 402 -0.73 36.84 1.40
CA ALA A 402 -1.25 36.34 0.14
C ALA A 402 -0.80 37.25 -1.02
N VAL A 403 -0.94 38.57 -0.87
CA VAL A 403 -0.51 39.46 -1.92
C VAL A 403 1.00 39.27 -2.20
N ARG A 404 1.75 38.81 -1.19
CA ARG A 404 3.18 38.56 -1.38
C ARG A 404 3.40 37.40 -2.38
N LEU A 405 2.49 36.43 -2.37
CA LEU A 405 2.60 35.29 -3.27
C LEU A 405 2.22 35.76 -4.69
N ARG A 406 1.06 36.40 -4.82
CA ARG A 406 0.62 36.92 -6.10
C ARG A 406 1.67 37.82 -6.75
N ALA A 407 2.20 38.76 -5.98
CA ALA A 407 3.22 39.65 -6.51
C ALA A 407 4.40 38.87 -7.13
N ALA A 408 4.94 37.89 -6.39
CA ALA A 408 6.05 37.09 -6.89
C ALA A 408 5.73 36.49 -8.25
N ASP A 409 4.45 36.18 -8.47
CA ASP A 409 4.01 35.62 -9.74
C ASP A 409 3.99 36.72 -10.79
N LEU A 410 3.20 37.76 -10.55
CA LEU A 410 3.12 38.85 -11.52
C LEU A 410 4.51 39.35 -11.88
N LEU A 411 5.31 39.68 -10.89
CA LEU A 411 6.65 40.20 -11.16
C LEU A 411 7.56 39.05 -11.56
N GLY A 412 6.91 37.92 -11.84
CA GLY A 412 7.62 36.72 -12.26
C GLY A 412 8.99 36.71 -11.66
N LEU A 413 9.04 36.56 -10.36
CA LEU A 413 10.31 36.57 -9.70
C LEU A 413 10.91 35.17 -9.73
N LYS A 414 12.22 35.14 -9.92
CA LYS A 414 12.97 33.91 -9.95
C LYS A 414 12.56 32.99 -8.77
N ARG A 415 11.94 31.88 -9.13
CA ARG A 415 11.50 30.91 -8.17
C ARG A 415 11.99 29.57 -8.71
N GLU A 416 13.20 29.20 -8.30
CA GLU A 416 13.80 27.96 -8.77
C GLU A 416 14.23 27.12 -7.59
N GLY A 417 14.38 25.83 -7.86
CA GLY A 417 14.80 24.86 -6.87
C GLY A 417 13.81 24.57 -5.78
N PHE A 418 14.31 23.93 -4.73
CA PHE A 418 13.47 23.55 -3.62
C PHE A 418 13.90 24.21 -2.34
N ARG A 419 12.93 24.75 -1.63
CA ARG A 419 13.21 25.40 -0.36
C ARG A 419 12.32 24.84 0.75
N PHE A 420 12.92 23.96 1.56
CA PHE A 420 12.23 23.33 2.67
C PHE A 420 12.38 24.12 3.96
N LEU A 421 11.39 24.01 4.83
CA LEU A 421 11.52 24.61 6.14
C LEU A 421 10.57 23.95 7.14
N TRP A 422 11.00 23.90 8.39
CA TRP A 422 10.20 23.37 9.46
C TRP A 422 9.46 24.53 10.09
N VAL A 423 8.13 24.44 10.24
CA VAL A 423 7.37 25.48 10.94
C VAL A 423 7.04 24.75 12.26
N VAL A 424 7.64 25.23 13.34
CA VAL A 424 7.48 24.65 14.65
C VAL A 424 6.69 25.53 15.62
N ASP A 425 6.56 25.05 16.85
CA ASP A 425 5.86 25.80 17.89
C ASP A 425 4.45 26.22 17.55
N PHE A 426 3.75 25.37 16.81
CA PHE A 426 2.36 25.67 16.47
C PHE A 426 1.59 25.74 17.79
N PRO A 427 0.39 26.31 17.75
CA PRO A 427 -0.41 26.39 18.98
C PRO A 427 -1.19 25.09 19.08
N LEU A 428 -1.42 24.60 20.31
CA LEU A 428 -2.16 23.36 20.49
C LEU A 428 -3.57 23.37 19.88
N LEU A 429 -4.33 24.42 20.15
CA LEU A 429 -5.68 24.51 19.61
C LEU A 429 -5.86 25.50 18.46
N GLU A 430 -7.12 25.72 18.12
CA GLU A 430 -7.53 26.64 17.07
C GLU A 430 -9.01 26.87 17.35
N TRP A 431 -9.45 28.11 17.21
CA TRP A 431 -10.84 28.43 17.49
C TRP A 431 -11.77 28.13 16.34
N ASP A 432 -12.84 27.40 16.64
CA ASP A 432 -13.85 27.06 15.65
C ASP A 432 -14.92 28.14 15.83
N GLU A 433 -15.11 28.96 14.78
CA GLU A 433 -16.08 30.05 14.83
C GLU A 433 -17.53 29.60 14.60
N GLU A 434 -17.73 28.66 13.68
CA GLU A 434 -19.07 28.14 13.35
C GLU A 434 -19.62 27.22 14.46
N GLU A 435 -18.80 26.98 15.49
CA GLU A 435 -19.14 26.19 16.68
C GLU A 435 -18.26 26.88 17.74
N GLU A 436 -18.86 27.78 18.50
CA GLU A 436 -18.16 28.55 19.52
C GLU A 436 -17.34 27.75 20.55
N ALA A 437 -16.36 26.97 20.06
CA ALA A 437 -15.50 26.16 20.93
C ALA A 437 -14.13 25.90 20.28
N TRP A 438 -13.20 25.32 21.05
CA TRP A 438 -11.87 25.00 20.52
C TRP A 438 -11.81 23.63 19.88
N THR A 439 -10.99 23.52 18.84
CA THR A 439 -10.77 22.25 18.18
C THR A 439 -9.25 22.17 18.08
N TYR A 440 -8.78 21.00 17.64
CA TYR A 440 -7.36 20.74 17.51
C TYR A 440 -6.71 21.50 16.34
N MET A 441 -5.45 21.88 16.49
CA MET A 441 -4.76 22.55 15.39
C MET A 441 -4.37 21.44 14.40
N HIS A 442 -3.78 20.35 14.91
CA HIS A 442 -3.38 19.21 14.06
C HIS A 442 -4.41 18.10 14.27
N HIS A 443 -4.29 17.40 15.41
CA HIS A 443 -5.21 16.33 15.82
C HIS A 443 -5.21 16.22 17.38
N PRO A 444 -6.24 15.60 17.94
CA PRO A 444 -6.37 15.46 19.39
C PRO A 444 -5.23 14.81 20.18
N PHE A 445 -4.42 13.99 19.53
CA PHE A 445 -3.37 13.27 20.24
C PHE A 445 -2.03 13.99 20.30
N THR A 446 -2.05 15.23 19.80
CA THR A 446 -0.86 16.08 19.79
C THR A 446 -0.58 16.55 21.22
N SER A 447 0.67 16.39 21.64
CA SER A 447 1.11 16.76 22.97
C SER A 447 1.35 18.25 23.18
N PRO A 448 0.86 18.79 24.30
CA PRO A 448 1.05 20.20 24.59
C PRO A 448 2.49 20.33 25.03
N HIS A 449 3.07 21.51 24.87
CA HIS A 449 4.43 21.76 25.28
C HIS A 449 4.48 21.40 26.76
N PRO A 450 5.48 20.62 27.19
CA PRO A 450 5.59 20.22 28.61
C PRO A 450 5.32 21.31 29.66
N GLU A 451 5.41 22.58 29.28
CA GLU A 451 5.18 23.66 30.25
C GLU A 451 3.81 24.31 30.22
N ASP A 452 3.34 24.71 29.03
CA ASP A 452 2.03 25.34 28.87
C ASP A 452 0.89 24.55 29.51
N LEU A 453 1.26 23.54 30.29
CA LEU A 453 0.30 22.68 30.98
C LEU A 453 -0.66 23.46 31.85
N PRO A 454 -0.13 24.35 32.73
CA PRO A 454 -0.98 25.16 33.62
C PRO A 454 -1.97 26.02 32.82
N LEU A 455 -1.44 26.64 31.77
CA LEU A 455 -2.20 27.52 30.90
C LEU A 455 -3.29 26.78 30.12
N LEU A 456 -3.36 25.47 30.29
CA LEU A 456 -4.32 24.62 29.58
C LEU A 456 -5.80 24.83 29.94
N GLU A 457 -6.07 25.84 30.77
CA GLU A 457 -7.44 26.17 31.16
C GLU A 457 -7.51 27.67 31.38
N LYS A 458 -6.41 28.20 31.90
CA LYS A 458 -6.29 29.62 32.14
C LYS A 458 -6.54 30.27 30.79
N ASP A 459 -5.67 29.93 29.83
CA ASP A 459 -5.75 30.48 28.49
C ASP A 459 -5.51 29.36 27.46
N PRO A 460 -6.60 28.75 26.97
CA PRO A 460 -6.59 27.67 25.99
C PRO A 460 -5.77 27.94 24.72
N GLY A 461 -5.88 29.15 24.19
CA GLY A 461 -5.17 29.50 22.97
C GLY A 461 -3.70 29.91 23.06
N ARG A 462 -3.16 30.03 24.26
CA ARG A 462 -1.77 30.41 24.41
C ARG A 462 -0.90 29.22 24.67
N VAL A 463 -1.48 28.03 24.47
CA VAL A 463 -0.81 26.76 24.68
C VAL A 463 -0.04 26.31 23.43
N ARG A 464 1.26 26.07 23.61
CA ARG A 464 2.16 25.61 22.55
C ARG A 464 2.11 24.08 22.37
N ALA A 465 2.17 23.61 21.14
CA ALA A 465 2.17 22.17 20.90
C ALA A 465 3.56 21.73 20.43
N LEU A 466 3.90 20.46 20.65
CA LEU A 466 5.16 19.91 20.17
C LEU A 466 4.86 19.43 18.71
N ALA A 467 4.22 20.30 17.94
CA ALA A 467 3.85 20.01 16.56
C ALA A 467 4.87 20.62 15.61
N TYR A 468 4.76 20.26 14.34
CA TYR A 468 5.68 20.77 13.33
C TYR A 468 5.14 20.40 11.95
N ASP A 469 5.32 21.30 11.00
CA ASP A 469 4.89 21.08 9.64
C ASP A 469 6.14 21.08 8.78
N LEU A 470 6.14 20.30 7.70
CA LEU A 470 7.30 20.33 6.82
C LEU A 470 6.76 21.05 5.60
N VAL A 471 7.44 22.10 5.17
CA VAL A 471 6.93 22.79 3.99
C VAL A 471 7.98 22.90 2.90
N LEU A 472 7.50 22.86 1.66
CA LEU A 472 8.36 22.96 0.48
C LEU A 472 7.71 23.92 -0.52
N ASN A 473 8.47 24.98 -0.83
CA ASN A 473 8.06 26.03 -1.72
C ASN A 473 6.62 26.50 -1.46
N GLY A 474 6.31 26.81 -0.20
CA GLY A 474 4.99 27.29 0.13
C GLY A 474 3.86 26.26 0.12
N VAL A 475 4.22 24.98 0.22
CA VAL A 475 3.20 23.93 0.28
C VAL A 475 3.56 23.08 1.49
N GLU A 476 2.54 22.72 2.26
CA GLU A 476 2.73 21.87 3.44
C GLU A 476 2.87 20.42 2.92
N VAL A 477 4.06 19.87 2.96
CA VAL A 477 4.26 18.52 2.45
C VAL A 477 4.33 17.48 3.54
N GLY A 478 4.13 17.93 4.77
CA GLY A 478 4.16 16.97 5.87
C GLY A 478 3.77 17.58 7.19
N GLY A 479 3.27 16.77 8.10
CA GLY A 479 2.89 17.27 9.41
C GLY A 479 2.91 16.17 10.46
N GLY A 480 3.41 16.51 11.65
CA GLY A 480 3.47 15.56 12.74
C GLY A 480 3.59 16.19 14.12
N SER A 481 3.91 15.40 15.13
CA SER A 481 4.05 15.95 16.48
C SER A 481 4.37 14.87 17.45
N ILE A 482 4.89 15.27 18.60
CA ILE A 482 5.19 14.31 19.67
C ILE A 482 3.82 14.07 20.27
N ARG A 483 3.50 12.83 20.63
CA ARG A 483 2.17 12.53 21.15
C ARG A 483 2.06 12.56 22.67
N ILE A 484 0.83 12.55 23.13
CA ILE A 484 0.59 12.51 24.56
C ILE A 484 0.67 11.00 24.82
N HIS A 485 1.46 10.58 25.82
CA HIS A 485 1.50 9.16 26.11
C HIS A 485 0.93 8.85 27.49
N ASP A 486 0.66 9.91 28.26
CA ASP A 486 0.07 9.80 29.59
C ASP A 486 -1.43 9.72 29.37
N PRO A 487 -2.08 8.66 29.85
CA PRO A 487 -3.53 8.58 29.61
C PRO A 487 -4.36 9.72 30.24
N ARG A 488 -3.91 10.22 31.38
CA ARG A 488 -4.65 11.27 32.08
C ARG A 488 -4.74 12.54 31.21
N LEU A 489 -3.58 12.98 30.76
CA LEU A 489 -3.49 14.16 29.94
C LEU A 489 -4.37 14.03 28.71
N GLN A 490 -4.33 12.87 28.06
CA GLN A 490 -5.12 12.64 26.87
C GLN A 490 -6.63 12.81 27.09
N ALA A 491 -7.13 12.39 28.25
CA ALA A 491 -8.55 12.53 28.54
C ALA A 491 -8.84 13.97 28.95
N ARG A 492 -7.83 14.65 29.51
CA ARG A 492 -7.95 16.04 29.93
C ARG A 492 -8.13 16.92 28.68
N VAL A 493 -7.19 16.76 27.75
CA VAL A 493 -7.20 17.47 26.47
C VAL A 493 -8.45 17.05 25.69
N PHE A 494 -8.93 15.83 25.89
CA PHE A 494 -10.14 15.35 25.22
C PHE A 494 -11.35 16.18 25.73
N ARG A 495 -11.42 16.38 27.05
CA ARG A 495 -12.51 17.17 27.64
C ARG A 495 -12.48 18.60 27.06
N LEU A 496 -11.29 19.20 27.06
CA LEU A 496 -11.03 20.55 26.54
C LEU A 496 -11.56 20.71 25.12
N LEU A 497 -11.36 19.67 24.31
CA LEU A 497 -11.81 19.68 22.92
C LEU A 497 -13.33 19.48 22.84
N GLY A 498 -14.00 19.57 23.98
CA GLY A 498 -15.45 19.42 24.01
C GLY A 498 -16.03 18.02 24.12
N ILE A 499 -15.20 16.98 24.10
CA ILE A 499 -15.73 15.62 24.19
C ILE A 499 -15.85 15.13 25.63
N GLY A 500 -17.03 14.59 25.92
CA GLY A 500 -17.33 14.07 27.24
C GLY A 500 -16.96 12.62 27.45
N GLU A 501 -16.69 12.27 28.71
CA GLU A 501 -16.30 10.92 29.10
C GLU A 501 -16.90 9.86 28.18
N GLU A 502 -18.21 9.93 27.99
CA GLU A 502 -18.93 8.95 27.18
C GLU A 502 -18.65 8.91 25.68
N GLU A 503 -18.30 10.05 25.08
CA GLU A 503 -18.01 10.09 23.66
C GLU A 503 -16.58 9.53 23.52
N GLN A 504 -15.74 9.84 24.51
CA GLN A 504 -14.35 9.37 24.56
C GLN A 504 -14.32 7.85 24.54
N ARG A 505 -15.32 7.22 25.16
CA ARG A 505 -15.42 5.77 25.22
C ARG A 505 -15.87 5.15 23.92
N GLU A 506 -16.76 5.82 23.19
CA GLU A 506 -17.26 5.29 21.91
C GLU A 506 -16.25 5.53 20.80
N LYS A 507 -15.65 6.73 20.81
CA LYS A 507 -14.68 7.12 19.79
C LYS A 507 -13.23 6.71 20.06
N PHE A 508 -12.77 6.82 21.30
CA PHE A 508 -11.36 6.50 21.61
C PHE A 508 -11.14 5.64 22.86
N GLY A 509 -12.18 4.95 23.30
CA GLY A 509 -12.03 4.13 24.47
C GLY A 509 -10.88 3.16 24.40
N PHE A 510 -10.86 2.39 23.31
CA PHE A 510 -9.82 1.38 23.09
C PHE A 510 -8.43 2.01 23.17
N PHE A 511 -8.30 3.21 22.62
CA PHE A 511 -7.02 3.90 22.60
C PHE A 511 -6.63 4.47 23.96
N LEU A 512 -7.58 5.05 24.71
CA LEU A 512 -7.24 5.55 26.03
C LEU A 512 -6.79 4.38 26.93
N GLU A 513 -7.40 3.22 26.72
CA GLU A 513 -7.06 2.02 27.47
C GLU A 513 -5.64 1.60 27.09
N ALA A 514 -5.33 1.61 25.80
CA ALA A 514 -4.00 1.25 25.35
C ALA A 514 -2.95 2.09 26.10
N LEU A 515 -3.23 3.39 26.30
CA LEU A 515 -2.26 4.26 26.98
C LEU A 515 -2.00 3.87 28.43
N GLU A 516 -2.85 3.05 29.01
CA GLU A 516 -2.69 2.63 30.40
C GLU A 516 -1.84 1.38 30.62
N TYR A 517 -1.42 0.77 29.54
CA TYR A 517 -0.62 -0.44 29.67
C TYR A 517 0.83 -0.21 29.42
N GLY A 518 1.28 1.00 29.67
CA GLY A 518 2.70 1.29 29.47
C GLY A 518 3.10 1.77 28.08
N ALA A 519 2.59 2.94 27.70
CA ALA A 519 2.91 3.59 26.43
C ALA A 519 4.24 4.34 26.59
N PRO A 520 5.17 4.17 25.66
CA PRO A 520 6.44 4.89 25.80
C PRO A 520 6.32 6.25 25.16
N PRO A 521 7.24 7.17 25.47
CA PRO A 521 7.07 8.45 24.77
C PRO A 521 7.28 8.19 23.26
N HIS A 522 6.49 8.86 22.41
CA HIS A 522 6.59 8.69 20.96
C HIS A 522 6.07 9.89 20.17
N GLY A 523 6.46 9.93 18.90
CA GLY A 523 6.04 10.97 17.99
C GLY A 523 6.35 10.58 16.55
N GLY A 524 5.87 11.34 15.60
CA GLY A 524 6.14 10.99 14.22
C GLY A 524 5.72 12.07 13.26
N ILE A 525 5.41 11.68 12.03
CA ILE A 525 5.00 12.66 11.05
C ILE A 525 4.38 11.88 9.91
N ALA A 526 3.75 12.59 8.99
CA ALA A 526 3.23 11.96 7.79
C ALA A 526 3.45 12.93 6.64
N TRP A 527 4.12 12.52 5.56
CA TRP A 527 4.25 13.41 4.42
C TRP A 527 3.06 13.19 3.47
N GLY A 528 2.71 14.21 2.70
CA GLY A 528 1.67 14.05 1.69
C GLY A 528 2.55 13.67 0.50
N LEU A 529 2.63 12.40 0.15
CA LEU A 529 3.51 11.94 -0.93
C LEU A 529 3.15 12.46 -2.34
N ASP A 530 1.85 12.59 -2.60
CA ASP A 530 1.39 13.07 -3.88
C ASP A 530 1.86 14.52 -4.02
N ARG A 531 1.72 15.31 -2.95
CA ARG A 531 2.17 16.71 -2.98
C ARG A 531 3.66 16.84 -3.20
N LEU A 532 4.42 16.07 -2.46
CA LEU A 532 5.85 16.11 -2.58
C LEU A 532 6.25 15.76 -4.02
N LEU A 533 5.59 14.77 -4.64
CA LEU A 533 5.96 14.39 -6.00
C LEU A 533 5.49 15.39 -7.04
N ALA A 534 4.36 16.04 -6.76
CA ALA A 534 3.91 17.03 -7.71
C ALA A 534 5.04 18.09 -7.79
N LEU A 535 5.47 18.59 -6.64
CA LEU A 535 6.55 19.57 -6.56
C LEU A 535 7.87 19.04 -7.17
N MET A 536 8.24 17.81 -6.86
CA MET A 536 9.48 17.27 -7.40
C MET A 536 9.49 17.19 -8.93
N THR A 537 8.32 17.18 -9.55
CA THR A 537 8.17 17.08 -11.01
C THR A 537 7.66 18.43 -11.58
N GLY A 538 7.57 19.45 -10.75
CA GLY A 538 7.08 20.73 -11.22
C GLY A 538 5.72 20.57 -11.83
N SER A 539 4.86 19.71 -11.27
CA SER A 539 3.50 19.54 -11.81
C SER A 539 2.52 20.51 -11.24
N PRO A 540 1.57 20.96 -12.05
CA PRO A 540 0.54 21.93 -11.65
C PRO A 540 -0.54 21.39 -10.66
N SER A 541 -0.55 20.08 -10.44
CA SER A 541 -1.48 19.49 -9.47
C SER A 541 -1.01 18.10 -9.19
N ILE A 542 -1.50 17.54 -8.10
CA ILE A 542 -1.09 16.20 -7.74
C ILE A 542 -1.70 15.15 -8.70
N ARG A 543 -2.66 15.53 -9.51
CA ARG A 543 -3.26 14.56 -10.41
C ARG A 543 -2.22 14.06 -11.39
N GLU A 544 -1.20 14.88 -11.64
CA GLU A 544 -0.18 14.50 -12.61
C GLU A 544 0.82 13.43 -12.11
N VAL A 545 0.78 13.08 -10.81
CA VAL A 545 1.69 12.09 -10.25
C VAL A 545 0.97 10.93 -9.62
N ILE A 546 -0.29 10.76 -10.03
CA ILE A 546 -1.15 9.66 -9.57
C ILE A 546 -1.59 8.94 -10.85
N ALA A 547 -1.42 7.63 -10.93
CA ALA A 547 -1.81 6.93 -12.15
C ALA A 547 -3.27 7.19 -12.57
N PHE A 548 -4.23 6.93 -11.69
CA PHE A 548 -5.63 7.13 -12.04
C PHE A 548 -6.34 7.97 -11.01
N PRO A 549 -6.15 9.29 -11.08
CA PRO A 549 -6.82 10.12 -10.07
C PRO A 549 -8.26 10.48 -10.38
N LYS A 550 -8.94 11.12 -9.44
CA LYS A 550 -10.34 11.58 -9.62
C LYS A 550 -10.31 13.05 -10.08
N ASN A 551 -11.40 13.52 -10.67
CA ASN A 551 -11.45 14.94 -11.06
C ASN A 551 -11.95 15.76 -9.86
N LYS A 552 -12.20 17.06 -10.04
CA LYS A 552 -12.61 17.87 -8.90
C LYS A 552 -13.91 17.40 -8.23
N GLU A 553 -14.83 16.83 -8.99
CA GLU A 553 -16.07 16.35 -8.38
C GLU A 553 -15.88 15.02 -7.61
N GLY A 554 -14.67 14.47 -7.65
CA GLY A 554 -14.37 13.23 -6.99
C GLY A 554 -14.74 12.07 -7.86
N LYS A 555 -15.05 12.37 -9.12
CA LYS A 555 -15.46 11.35 -10.06
C LYS A 555 -14.37 10.82 -10.96
N ASP A 556 -14.63 9.61 -11.47
CA ASP A 556 -13.70 8.94 -12.34
C ASP A 556 -14.28 8.85 -13.73
N PRO A 557 -13.83 9.73 -14.63
CA PRO A 557 -14.25 9.81 -16.03
C PRO A 557 -13.90 8.53 -16.79
N LEU A 558 -12.79 7.91 -16.38
CA LEU A 558 -12.30 6.69 -17.04
C LEU A 558 -13.23 5.52 -16.81
N THR A 559 -13.63 5.28 -15.58
CA THR A 559 -14.49 4.12 -15.35
C THR A 559 -15.96 4.44 -15.19
N GLY A 560 -16.27 5.67 -14.84
CA GLY A 560 -17.67 6.02 -14.63
C GLY A 560 -18.08 6.04 -13.16
N ALA A 561 -17.15 5.65 -12.29
CA ALA A 561 -17.42 5.65 -10.85
C ALA A 561 -17.33 7.09 -10.36
N PRO A 562 -18.14 7.44 -9.33
CA PRO A 562 -19.10 6.53 -8.69
C PRO A 562 -20.31 6.34 -9.61
N SER A 563 -20.92 5.17 -9.55
CA SER A 563 -22.06 4.89 -10.37
C SER A 563 -23.14 4.16 -9.58
N PRO A 564 -24.37 4.10 -10.12
CA PRO A 564 -25.48 3.41 -9.44
C PRO A 564 -25.33 1.91 -9.39
N VAL A 565 -26.01 1.30 -8.42
CA VAL A 565 -25.98 -0.13 -8.24
C VAL A 565 -27.42 -0.62 -8.19
N PRO A 566 -27.67 -1.84 -8.69
CA PRO A 566 -29.03 -2.39 -8.66
C PRO A 566 -29.65 -2.36 -7.27
N GLU A 567 -30.97 -2.18 -7.22
CA GLU A 567 -31.71 -2.13 -5.98
C GLU A 567 -31.52 -3.38 -5.14
N GLU A 568 -31.52 -4.53 -5.81
CA GLU A 568 -31.32 -5.82 -5.17
C GLU A 568 -30.05 -5.78 -4.36
N GLN A 569 -28.98 -5.29 -4.98
CA GLN A 569 -27.67 -5.17 -4.33
C GLN A 569 -27.68 -4.26 -3.12
N LEU A 570 -28.23 -3.05 -3.24
CA LEU A 570 -28.26 -2.17 -2.08
C LEU A 570 -29.15 -2.74 -1.03
N ARG A 571 -30.22 -3.39 -1.48
CA ARG A 571 -31.22 -3.98 -0.59
C ARG A 571 -30.57 -5.05 0.28
N GLU A 572 -29.70 -5.82 -0.33
CA GLU A 572 -29.01 -6.88 0.38
C GLU A 572 -28.14 -6.35 1.51
N LEU A 573 -27.79 -5.07 1.46
CA LEU A 573 -27.00 -4.43 2.51
C LEU A 573 -27.89 -3.74 3.49
N GLY A 574 -29.21 -3.88 3.29
CA GLY A 574 -30.21 -3.27 4.17
C GLY A 574 -30.19 -1.76 4.10
N LEU A 575 -29.94 -1.23 2.91
CA LEU A 575 -29.88 0.22 2.67
C LEU A 575 -30.80 0.57 1.52
N MET A 576 -31.23 1.82 1.55
CA MET A 576 -32.10 2.43 0.55
C MET A 576 -31.86 3.92 0.42
N VAL A 577 -31.94 4.40 -0.81
CA VAL A 577 -31.73 5.82 -1.14
C VAL A 577 -32.89 6.75 -0.76
N VAL A 578 -32.64 7.75 0.09
CA VAL A 578 -33.68 8.73 0.42
C VAL A 578 -33.38 9.84 -0.57
N ARG A 579 -34.02 9.70 -1.72
CA ARG A 579 -33.86 10.64 -2.82
C ARG A 579 -34.98 11.68 -2.84
N PRO A 580 -34.76 12.79 -3.55
CA PRO A 580 -35.86 13.75 -3.59
C PRO A 580 -36.85 13.25 -4.69
N MET B 1 18.82 11.40 27.57
CA MET B 1 17.71 10.52 27.13
C MET B 1 18.11 9.47 26.10
N ARG B 2 18.35 9.84 24.84
CA ARG B 2 18.71 8.85 23.81
C ARG B 2 19.39 7.58 24.40
N ARG B 3 18.94 6.41 23.98
CA ARG B 3 19.54 5.17 24.43
C ARG B 3 20.83 5.00 23.65
N THR B 4 21.65 4.04 24.03
CA THR B 4 22.91 3.80 23.37
C THR B 4 22.82 2.54 22.54
N HIS B 5 21.93 1.63 22.94
CA HIS B 5 21.72 0.36 22.23
C HIS B 5 20.31 -0.11 22.47
N TYR B 6 19.93 -1.17 21.76
CA TYR B 6 18.64 -1.81 21.91
C TYR B 6 18.95 -2.78 23.03
N ALA B 7 18.06 -2.91 24.01
CA ALA B 7 18.32 -3.83 25.11
C ALA B 7 18.75 -5.20 24.64
N GLY B 8 18.00 -5.77 23.71
CA GLY B 8 18.27 -7.13 23.23
C GLY B 8 19.50 -7.32 22.34
N SER B 9 20.18 -6.21 22.06
CA SER B 9 21.37 -6.25 21.22
C SER B 9 22.68 -6.49 21.99
N LEU B 10 22.70 -6.22 23.29
CA LEU B 10 23.91 -6.38 24.09
C LEU B 10 24.52 -7.77 23.98
N ARG B 11 25.83 -7.78 23.71
CA ARG B 11 26.58 -9.05 23.58
C ARG B 11 27.88 -8.94 24.39
N GLU B 12 28.63 -10.04 24.44
CA GLU B 12 29.91 -10.07 25.18
C GLU B 12 30.87 -8.95 24.71
N THR B 13 30.85 -8.64 23.43
CA THR B 13 31.70 -7.56 22.96
C THR B 13 31.42 -6.24 23.69
N HIS B 14 30.26 -6.13 24.34
CA HIS B 14 29.92 -4.87 25.02
C HIS B 14 30.34 -4.79 26.47
N VAL B 15 30.97 -5.83 27.00
CA VAL B 15 31.36 -5.81 28.41
C VAL B 15 32.31 -4.67 28.71
N GLY B 16 31.95 -3.88 29.72
CA GLY B 16 32.81 -2.78 30.10
C GLY B 16 32.33 -1.46 29.63
N GLU B 17 31.22 -1.42 28.90
CA GLU B 17 30.71 -0.15 28.44
C GLU B 17 29.58 0.37 29.30
N GLU B 18 29.45 1.69 29.39
CA GLU B 18 28.34 2.26 30.14
C GLU B 18 27.22 2.36 29.11
N VAL B 19 25.99 1.99 29.47
CA VAL B 19 24.95 2.06 28.44
C VAL B 19 23.66 2.72 28.90
N VAL B 20 22.84 3.17 27.97
CA VAL B 20 21.53 3.73 28.35
C VAL B 20 20.51 2.87 27.57
N LEU B 21 19.60 2.19 28.28
CA LEU B 21 18.63 1.34 27.61
C LEU B 21 17.25 1.86 27.92
N GLU B 22 16.31 1.62 27.01
CA GLU B 22 14.96 2.06 27.23
C GLU B 22 14.05 0.91 26.87
N GLY B 23 13.02 0.66 27.67
CA GLY B 23 12.18 -0.47 27.34
C GLY B 23 11.14 -0.82 28.37
N TRP B 24 10.70 -2.08 28.31
CA TRP B 24 9.66 -2.60 29.19
C TRP B 24 10.24 -3.63 30.14
N VAL B 25 9.70 -3.60 31.36
CA VAL B 25 10.07 -4.55 32.41
C VAL B 25 9.34 -5.83 32.07
N ASN B 26 10.07 -6.80 31.51
CA ASN B 26 9.46 -8.07 31.16
C ASN B 26 9.10 -8.88 32.41
N ARG B 27 9.96 -8.74 33.44
CA ARG B 27 9.81 -9.43 34.69
C ARG B 27 10.76 -8.86 35.76
N ARG B 28 10.36 -8.97 37.04
CA ARG B 28 11.13 -8.51 38.19
C ARG B 28 11.32 -9.65 39.18
N ARG B 29 12.56 -9.90 39.59
CA ARG B 29 12.80 -10.96 40.56
C ARG B 29 13.57 -10.41 41.76
N ASP B 30 12.98 -10.48 42.95
CA ASP B 30 13.65 -10.04 44.16
C ASP B 30 14.38 -11.30 44.63
N LEU B 31 15.70 -11.38 44.47
CA LEU B 31 16.42 -12.58 44.84
C LEU B 31 17.52 -12.44 45.88
N GLY B 32 17.17 -12.00 47.09
CA GLY B 32 18.21 -11.93 48.08
C GLY B 32 19.01 -10.65 48.14
N GLY B 33 18.36 -9.53 48.48
CA GLY B 33 19.09 -8.28 48.55
C GLY B 33 19.71 -7.92 47.21
N LEU B 34 19.05 -8.39 46.16
CA LEU B 34 19.51 -8.17 44.80
C LEU B 34 18.25 -8.09 43.98
N ILE B 35 18.13 -7.11 43.10
CA ILE B 35 16.93 -7.11 42.24
C ILE B 35 17.29 -7.27 40.78
N PHE B 36 16.72 -8.28 40.15
CA PHE B 36 16.95 -8.54 38.74
C PHE B 36 15.73 -8.11 37.93
N LEU B 37 15.98 -7.33 36.90
CA LEU B 37 14.91 -6.88 36.03
C LEU B 37 15.31 -7.33 34.65
N ASP B 38 14.36 -7.93 33.93
CA ASP B 38 14.61 -8.32 32.57
C ASP B 38 14.00 -7.23 31.74
N LEU B 39 14.86 -6.46 31.10
CA LEU B 39 14.44 -5.34 30.25
C LEU B 39 14.23 -5.87 28.85
N ARG B 40 13.11 -5.52 28.25
CA ARG B 40 12.83 -5.95 26.91
C ARG B 40 12.54 -4.79 25.99
N ASP B 41 12.93 -5.00 24.74
CA ASP B 41 12.59 -4.11 23.67
C ASP B 41 12.61 -5.02 22.40
N ARG B 42 12.20 -4.43 21.29
CA ARG B 42 12.15 -5.15 20.03
C ARG B 42 13.27 -6.18 19.74
N GLU B 43 14.49 -5.95 20.20
CA GLU B 43 15.55 -6.90 19.87
C GLU B 43 15.79 -8.00 20.87
N GLY B 44 14.99 -8.06 21.94
CA GLY B 44 15.12 -9.11 22.95
C GLY B 44 15.28 -8.62 24.39
N LEU B 45 15.58 -9.55 25.30
CA LEU B 45 15.76 -9.21 26.73
C LEU B 45 17.21 -9.07 27.19
N VAL B 46 17.45 -8.25 28.20
CA VAL B 46 18.75 -8.14 28.87
C VAL B 46 18.40 -8.17 30.36
N GLN B 47 19.28 -8.81 31.12
CA GLN B 47 19.10 -8.87 32.55
C GLN B 47 19.78 -7.65 33.13
N LEU B 48 19.02 -6.86 33.89
CA LEU B 48 19.52 -5.69 34.60
C LEU B 48 19.66 -6.17 36.05
N VAL B 49 20.70 -5.70 36.74
CA VAL B 49 20.94 -6.06 38.13
C VAL B 49 21.09 -4.82 38.98
N ALA B 50 20.34 -4.77 40.07
CA ALA B 50 20.39 -3.65 40.99
C ALA B 50 20.81 -4.18 42.37
N HIS B 51 21.91 -3.62 42.87
CA HIS B 51 22.45 -3.92 44.17
C HIS B 51 21.98 -2.82 45.11
N PRO B 52 21.75 -3.15 46.38
CA PRO B 52 21.30 -2.17 47.37
C PRO B 52 22.21 -0.93 47.50
N ALA B 53 23.46 -1.04 47.09
CA ALA B 53 24.37 0.13 47.14
C ALA B 53 24.27 1.03 45.89
N SER B 54 23.34 0.72 44.98
CA SER B 54 23.15 1.49 43.74
C SER B 54 22.05 2.53 43.85
N PRO B 55 22.21 3.69 43.22
CA PRO B 55 21.13 4.69 43.33
C PRO B 55 19.89 4.16 42.62
N ALA B 56 20.03 3.10 41.83
CA ALA B 56 18.89 2.54 41.09
C ALA B 56 17.97 1.63 41.91
N TYR B 57 18.51 1.06 42.99
CA TYR B 57 17.78 0.13 43.83
C TYR B 57 16.38 0.52 44.28
N ALA B 58 16.20 1.73 44.81
CA ALA B 58 14.87 2.12 45.29
C ALA B 58 13.85 1.97 44.16
N THR B 59 14.22 2.44 42.97
CA THR B 59 13.31 2.36 41.83
C THR B 59 13.13 0.91 41.37
N ALA B 60 14.20 0.14 41.28
CA ALA B 60 14.10 -1.24 40.84
C ALA B 60 13.22 -1.99 41.81
N GLU B 61 13.06 -1.43 43.00
CA GLU B 61 12.28 -2.05 44.04
C GLU B 61 10.81 -1.82 43.80
N ARG B 62 10.48 -0.67 43.20
CA ARG B 62 9.09 -0.30 42.94
C ARG B 62 8.48 -0.74 41.60
N VAL B 63 9.31 -1.17 40.64
CA VAL B 63 8.73 -1.49 39.34
C VAL B 63 7.90 -2.76 39.20
N ARG B 64 7.02 -2.75 38.21
CA ARG B 64 6.16 -3.86 37.91
C ARG B 64 6.22 -4.19 36.41
N PRO B 65 5.67 -5.33 36.03
CA PRO B 65 5.61 -5.81 34.65
C PRO B 65 4.99 -4.81 33.70
N GLU B 66 5.60 -4.68 32.52
CA GLU B 66 5.12 -3.77 31.47
C GLU B 66 5.33 -2.29 31.75
N TRP B 67 6.10 -1.97 32.79
CA TRP B 67 6.39 -0.57 33.07
C TRP B 67 7.50 -0.20 32.06
N VAL B 68 7.47 1.02 31.58
CA VAL B 68 8.48 1.50 30.64
C VAL B 68 9.53 2.26 31.44
N VAL B 69 10.80 1.90 31.28
CA VAL B 69 11.85 2.56 32.04
C VAL B 69 13.06 2.95 31.19
N ARG B 70 13.89 3.84 31.75
CA ARG B 70 15.16 4.22 31.15
C ARG B 70 16.17 3.69 32.18
N ALA B 71 17.11 2.90 31.70
CA ALA B 71 18.07 2.32 32.60
C ALA B 71 19.49 2.65 32.16
N LYS B 72 20.35 2.96 33.12
CA LYS B 72 21.74 3.23 32.79
C LYS B 72 22.50 2.24 33.64
N GLY B 73 23.62 1.74 33.13
CA GLY B 73 24.41 0.78 33.86
C GLY B 73 25.67 0.39 33.13
N LEU B 74 26.47 -0.46 33.75
CA LEU B 74 27.74 -0.93 33.20
C LEU B 74 27.50 -2.35 32.78
N VAL B 75 27.88 -2.71 31.57
CA VAL B 75 27.68 -4.07 31.08
C VAL B 75 28.75 -4.97 31.70
N ARG B 76 28.31 -6.05 32.33
CA ARG B 76 29.22 -7.01 32.97
C ARG B 76 28.99 -8.39 32.38
N LEU B 77 29.98 -9.26 32.54
CA LEU B 77 29.89 -10.63 32.05
C LEU B 77 29.15 -11.44 33.08
N ARG B 78 28.20 -12.25 32.67
CA ARG B 78 27.50 -13.04 33.69
C ARG B 78 28.42 -14.14 34.22
N PRO B 79 28.38 -14.37 35.54
CA PRO B 79 29.23 -15.44 36.10
C PRO B 79 28.70 -16.73 35.49
N GLU B 80 27.36 -16.84 35.44
CA GLU B 80 26.74 -17.99 34.81
C GLU B 80 25.80 -17.64 33.66
N PRO B 81 26.31 -17.80 32.43
CA PRO B 81 25.60 -17.53 31.19
C PRO B 81 24.32 -18.31 31.03
N ASN B 82 23.30 -17.62 30.51
CA ASN B 82 22.03 -18.25 30.25
C ASN B 82 22.01 -18.51 28.75
N PRO B 83 22.05 -19.79 28.36
CA PRO B 83 22.06 -20.26 26.96
C PRO B 83 20.84 -19.91 26.12
N ARG B 84 19.73 -19.67 26.78
CA ARG B 84 18.48 -19.37 26.09
C ARG B 84 18.27 -17.93 25.62
N LEU B 85 19.17 -17.01 25.97
CA LEU B 85 19.03 -15.62 25.56
C LEU B 85 20.19 -15.15 24.73
N ALA B 86 19.93 -14.38 23.69
CA ALA B 86 21.01 -13.88 22.87
C ALA B 86 21.91 -12.95 23.67
N THR B 87 21.38 -12.37 24.75
CA THR B 87 22.17 -11.48 25.59
C THR B 87 22.64 -12.28 26.81
N GLY B 88 22.44 -13.59 26.74
CA GLY B 88 22.78 -14.49 27.83
C GLY B 88 24.16 -14.45 28.47
N ARG B 89 25.20 -14.01 27.75
CA ARG B 89 26.51 -13.96 28.39
C ARG B 89 26.69 -12.67 29.17
N VAL B 90 25.73 -11.75 29.08
CA VAL B 90 25.91 -10.51 29.80
C VAL B 90 24.73 -10.03 30.61
N GLU B 91 24.96 -8.97 31.36
CA GLU B 91 23.97 -8.36 32.22
C GLU B 91 24.43 -6.94 32.43
N VAL B 92 23.54 -6.07 32.87
CA VAL B 92 23.98 -4.72 33.12
C VAL B 92 23.74 -4.30 34.57
N GLU B 93 24.84 -3.90 35.21
CA GLU B 93 24.82 -3.45 36.58
C GLU B 93 24.27 -2.05 36.61
N LEU B 94 23.08 -1.87 37.16
CA LEU B 94 22.49 -0.53 37.15
C LEU B 94 23.16 0.52 38.03
N SER B 95 23.17 1.75 37.52
CA SER B 95 23.71 2.90 38.24
C SER B 95 22.52 3.90 38.34
N ALA B 96 21.54 3.72 37.46
CA ALA B 96 20.36 4.60 37.44
C ALA B 96 19.13 3.93 36.76
N LEU B 97 17.92 4.28 37.21
CA LEU B 97 16.73 3.69 36.63
C LEU B 97 15.58 4.68 36.77
N GLU B 98 14.91 5.00 35.68
CA GLU B 98 13.78 5.92 35.74
C GLU B 98 12.52 5.29 35.14
N VAL B 99 11.40 5.50 35.82
CA VAL B 99 10.14 4.96 35.36
C VAL B 99 9.53 6.02 34.45
N LEU B 100 9.25 5.66 33.19
CA LEU B 100 8.69 6.62 32.24
C LEU B 100 7.19 6.47 32.13
N ALA B 101 6.71 5.27 32.39
CA ALA B 101 5.28 5.06 32.35
C ALA B 101 4.97 3.80 33.11
N GLU B 102 3.97 3.84 33.98
CA GLU B 102 3.58 2.64 34.70
C GLU B 102 2.51 2.00 33.83
N ALA B 103 2.19 0.74 34.07
CA ALA B 103 1.20 0.06 33.28
C ALA B 103 0.27 -0.67 34.20
N LYS B 104 -0.97 -0.89 33.80
CA LYS B 104 -1.80 -1.68 34.69
C LYS B 104 -1.56 -3.15 34.34
N THR B 105 -2.10 -4.06 35.13
CA THR B 105 -1.89 -5.46 34.90
C THR B 105 -2.49 -5.88 33.57
N PRO B 106 -1.69 -6.55 32.73
CA PRO B 106 -2.17 -6.99 31.41
C PRO B 106 -3.17 -8.11 31.54
N PRO B 107 -4.15 -8.18 30.64
CA PRO B 107 -5.18 -9.24 30.63
C PRO B 107 -4.60 -10.64 30.31
N PHE B 108 -3.43 -10.66 29.69
CA PHE B 108 -2.71 -11.91 29.40
C PHE B 108 -1.21 -11.61 29.43
N PRO B 109 -0.37 -12.61 29.67
CA PRO B 109 1.07 -12.38 29.71
C PRO B 109 1.72 -12.28 28.34
N VAL B 110 2.78 -11.50 28.24
CA VAL B 110 3.45 -11.32 26.97
C VAL B 110 4.94 -11.61 27.14
N ASP B 111 5.34 -11.92 28.36
CA ASP B 111 6.75 -12.13 28.69
C ASP B 111 7.43 -13.46 28.37
N ALA B 112 6.65 -14.53 28.34
CA ALA B 112 7.22 -15.86 28.15
C ALA B 112 7.99 -16.03 26.87
N GLY B 113 7.38 -15.64 25.77
CA GLY B 113 8.04 -15.77 24.50
C GLY B 113 9.41 -15.15 24.42
N TRP B 114 9.61 -14.02 25.11
CA TRP B 114 10.90 -13.35 25.07
C TRP B 114 11.98 -14.12 25.81
N ARG B 115 11.57 -15.00 26.72
CA ARG B 115 12.52 -15.82 27.45
C ARG B 115 12.68 -17.12 26.67
N GLY B 116 12.08 -17.23 25.51
CA GLY B 116 12.24 -18.48 24.78
C GLY B 116 11.34 -19.59 25.34
N GLU B 117 10.53 -19.25 26.31
CA GLU B 117 9.64 -20.22 26.88
C GLU B 117 8.46 -20.37 25.97
N GLU B 118 7.60 -21.33 26.28
CA GLU B 118 6.42 -21.53 25.46
C GLU B 118 5.27 -20.73 26.02
N GLU B 119 4.40 -20.24 25.13
CA GLU B 119 3.26 -19.46 25.60
C GLU B 119 1.94 -20.25 25.53
N LYS B 120 1.08 -20.01 26.51
CA LYS B 120 -0.24 -20.66 26.52
C LYS B 120 -1.10 -19.74 25.65
N GLU B 121 -1.59 -20.23 24.52
CA GLU B 121 -2.41 -19.39 23.67
C GLU B 121 -3.74 -18.92 24.28
N ALA B 122 -3.83 -17.62 24.53
CA ALA B 122 -5.04 -17.06 25.08
C ALA B 122 -6.09 -16.96 24.00
N SER B 123 -7.33 -16.77 24.43
CA SER B 123 -8.46 -16.62 23.53
C SER B 123 -8.14 -15.59 22.43
N GLU B 124 -8.43 -15.95 21.18
CA GLU B 124 -8.15 -15.05 20.07
C GLU B 124 -9.03 -13.81 20.10
N GLU B 125 -10.24 -13.94 20.60
CA GLU B 125 -11.11 -12.77 20.70
C GLU B 125 -10.50 -11.80 21.72
N LEU B 126 -9.82 -12.36 22.73
CA LEU B 126 -9.16 -11.54 23.76
C LEU B 126 -7.87 -10.93 23.18
N ARG B 127 -7.12 -11.72 22.43
CA ARG B 127 -5.88 -11.23 21.84
C ARG B 127 -6.22 -10.06 20.92
N LEU B 128 -7.30 -10.20 20.16
CA LEU B 128 -7.77 -9.18 19.25
C LEU B 128 -8.23 -7.90 19.98
N LYS B 129 -9.04 -8.08 21.03
CA LYS B 129 -9.54 -6.93 21.79
C LYS B 129 -8.36 -6.07 22.30
N TYR B 130 -7.27 -6.72 22.68
CA TYR B 130 -6.09 -5.97 23.12
C TYR B 130 -4.90 -6.30 22.19
N ARG B 131 -5.11 -6.12 20.89
CA ARG B 131 -4.11 -6.46 19.88
C ARG B 131 -2.76 -5.76 20.08
N TYR B 132 -2.79 -4.57 20.69
CA TYR B 132 -1.57 -3.82 20.92
C TYR B 132 -0.73 -4.44 22.02
N LEU B 133 -1.32 -5.33 22.81
CA LEU B 133 -0.54 -6.00 23.86
C LEU B 133 -0.14 -7.32 23.27
N ASP B 134 -0.98 -7.87 22.41
CA ASP B 134 -0.70 -9.15 21.76
C ASP B 134 0.54 -8.97 20.87
N LEU B 135 0.60 -7.83 20.18
CA LEU B 135 1.72 -7.54 19.31
C LEU B 135 3.03 -7.30 20.09
N ARG B 136 2.97 -7.34 21.42
CA ARG B 136 4.15 -7.18 22.27
C ARG B 136 4.91 -8.52 22.36
N ARG B 137 4.21 -9.61 22.05
CA ARG B 137 4.78 -10.93 22.12
C ARG B 137 5.76 -11.13 20.98
N ARG B 138 6.86 -11.82 21.28
CA ARG B 138 7.91 -12.05 20.32
C ARG B 138 7.47 -12.70 19.04
N ARG B 139 6.62 -13.71 19.12
CA ARG B 139 6.20 -14.36 17.88
C ARG B 139 5.41 -13.42 16.94
N MET B 140 4.58 -12.56 17.51
CA MET B 140 3.83 -11.63 16.67
C MET B 140 4.77 -10.63 16.02
N GLN B 141 5.83 -10.24 16.73
CA GLN B 141 6.78 -9.27 16.18
C GLN B 141 7.67 -9.94 15.14
N GLU B 142 7.92 -11.22 15.33
CA GLU B 142 8.72 -11.91 14.36
C GLU B 142 7.87 -12.01 13.11
N ASN B 143 6.59 -12.24 13.28
CA ASN B 143 5.69 -12.34 12.13
C ASN B 143 5.63 -11.03 11.32
N LEU B 144 5.43 -9.92 12.00
CA LEU B 144 5.34 -8.64 11.35
C LEU B 144 6.66 -8.21 10.74
N ARG B 145 7.76 -8.50 11.42
CA ARG B 145 9.05 -8.09 10.87
C ARG B 145 9.43 -8.96 9.68
N LEU B 146 8.93 -10.19 9.67
CA LEU B 146 9.17 -11.08 8.53
C LEU B 146 8.34 -10.59 7.36
N ARG B 147 7.17 -10.04 7.64
CA ARG B 147 6.33 -9.52 6.56
C ARG B 147 7.07 -8.35 5.91
N HIS B 148 7.69 -7.52 6.73
CA HIS B 148 8.42 -6.36 6.28
C HIS B 148 9.57 -6.78 5.39
N ARG B 149 10.32 -7.78 5.86
CA ARG B 149 11.48 -8.27 5.14
C ARG B 149 11.09 -8.83 3.78
N VAL B 150 9.96 -9.56 3.74
CA VAL B 150 9.44 -10.16 2.53
C VAL B 150 9.05 -9.07 1.53
N ILE B 151 8.31 -8.07 1.99
CA ILE B 151 7.91 -7.01 1.10
C ILE B 151 9.11 -6.22 0.58
N LYS B 152 10.09 -5.95 1.43
CA LYS B 152 11.28 -5.23 0.98
C LYS B 152 12.05 -6.13 -0.04
N ALA B 153 12.08 -7.45 0.18
CA ALA B 153 12.76 -8.35 -0.77
C ALA B 153 12.04 -8.34 -2.14
N ILE B 154 10.70 -8.27 -2.12
CA ILE B 154 9.93 -8.17 -3.36
C ILE B 154 10.29 -6.89 -4.10
N TRP B 155 10.30 -5.76 -3.40
CA TRP B 155 10.69 -4.47 -3.97
C TRP B 155 12.11 -4.48 -4.52
N ASP B 156 13.08 -5.05 -3.79
CA ASP B 156 14.45 -5.07 -4.28
C ASP B 156 14.55 -5.85 -5.56
N PHE B 157 13.91 -7.01 -5.58
CA PHE B 157 13.93 -7.89 -6.75
C PHE B 157 13.20 -7.31 -7.99
N LEU B 158 11.93 -6.96 -7.81
CA LEU B 158 11.17 -6.42 -8.94
C LEU B 158 11.77 -5.12 -9.47
N ASP B 159 12.32 -4.30 -8.57
CA ASP B 159 12.94 -3.05 -8.98
C ASP B 159 14.13 -3.36 -9.89
N ARG B 160 14.90 -4.34 -9.48
CA ARG B 160 16.07 -4.75 -10.22
C ARG B 160 15.63 -5.39 -11.53
N GLU B 161 14.47 -6.04 -11.58
CA GLU B 161 14.02 -6.63 -12.83
C GLU B 161 13.31 -5.60 -13.74
N GLY B 162 13.31 -4.35 -13.30
CA GLY B 162 12.68 -3.33 -14.12
C GLY B 162 11.18 -3.10 -13.95
N PHE B 163 10.57 -3.63 -12.90
CA PHE B 163 9.14 -3.42 -12.70
C PHE B 163 8.83 -2.07 -12.12
N VAL B 164 7.75 -1.46 -12.59
CA VAL B 164 7.34 -0.16 -12.08
C VAL B 164 6.23 -0.40 -11.05
N GLN B 165 6.40 0.12 -9.85
CA GLN B 165 5.35 0.01 -8.85
C GLN B 165 4.37 1.16 -9.15
N VAL B 166 3.09 0.82 -9.26
CA VAL B 166 2.06 1.82 -9.51
C VAL B 166 0.93 1.57 -8.53
N GLU B 167 0.50 2.64 -7.87
CA GLU B 167 -0.58 2.57 -6.92
C GLU B 167 -1.86 2.87 -7.67
N THR B 168 -2.79 1.93 -7.58
CA THR B 168 -4.08 1.99 -8.25
C THR B 168 -5.22 2.44 -7.28
N PRO B 169 -6.33 2.97 -7.82
CA PRO B 169 -7.44 3.43 -6.99
C PRO B 169 -8.21 2.47 -6.11
N PHE B 170 -8.72 3.00 -5.01
CA PHE B 170 -9.54 2.23 -4.08
C PHE B 170 -11.01 2.63 -4.24
N LEU B 171 -11.29 3.89 -4.56
CA LEU B 171 -12.68 4.36 -4.77
C LEU B 171 -12.83 4.19 -6.27
N THR B 172 -13.32 3.04 -6.70
CA THR B 172 -13.34 2.82 -8.11
C THR B 172 -14.52 2.02 -8.56
N LYS B 173 -14.39 1.41 -9.73
CA LYS B 173 -15.46 0.62 -10.33
C LYS B 173 -15.27 -0.86 -9.96
N SER B 174 -16.38 -1.58 -9.89
CA SER B 174 -16.38 -3.01 -9.56
C SER B 174 -15.45 -3.87 -10.46
N THR B 175 -14.76 -4.83 -9.86
CA THR B 175 -13.92 -5.75 -10.63
C THR B 175 -14.31 -7.16 -10.24
N PRO B 176 -14.72 -8.00 -11.22
CA PRO B 176 -15.13 -9.37 -10.89
C PRO B 176 -14.03 -10.37 -10.51
N GLU B 177 -14.02 -10.81 -9.25
CA GLU B 177 -13.07 -11.81 -8.78
C GLU B 177 -13.83 -12.99 -8.16
N GLY B 178 -15.15 -12.94 -8.30
CA GLY B 178 -16.01 -13.99 -7.79
C GLY B 178 -16.71 -13.65 -6.49
N ALA B 179 -16.46 -12.48 -5.94
CA ALA B 179 -17.08 -12.08 -4.67
C ALA B 179 -18.06 -10.90 -4.78
N ARG B 180 -18.56 -10.43 -3.62
CA ARG B 180 -19.43 -9.24 -3.54
C ARG B 180 -18.57 -7.99 -3.28
N ASP B 181 -19.00 -6.85 -3.83
CA ASP B 181 -18.26 -5.63 -3.61
C ASP B 181 -18.69 -4.99 -2.33
N PHE B 182 -17.74 -4.28 -1.74
CA PHE B 182 -17.96 -3.48 -0.54
C PHE B 182 -18.23 -2.15 -1.26
N LEU B 183 -19.21 -1.40 -0.76
CA LEU B 183 -19.56 -0.12 -1.40
C LEU B 183 -19.29 1.05 -0.51
N VAL B 184 -19.07 2.20 -1.14
CA VAL B 184 -18.79 3.45 -0.44
C VAL B 184 -19.78 4.45 -1.06
N PRO B 185 -20.66 5.03 -0.22
CA PRO B 185 -21.65 6.00 -0.72
C PRO B 185 -21.00 7.30 -1.11
N TYR B 186 -21.37 7.80 -2.28
CA TYR B 186 -20.88 9.08 -2.82
C TYR B 186 -21.86 10.11 -2.27
N ARG B 187 -21.42 11.05 -1.44
CA ARG B 187 -22.47 11.90 -0.90
C ARG B 187 -23.16 12.97 -1.71
N HIS B 188 -22.51 13.51 -2.75
CA HIS B 188 -23.15 14.55 -3.58
C HIS B 188 -24.25 14.09 -4.53
N GLU B 189 -24.54 12.80 -4.55
CA GLU B 189 -25.60 12.29 -5.41
C GLU B 189 -26.03 10.93 -4.91
N PRO B 190 -26.92 10.93 -3.91
CA PRO B 190 -27.44 9.70 -3.31
C PRO B 190 -27.74 8.69 -4.42
N GLY B 191 -27.41 7.44 -4.20
CA GLY B 191 -27.67 6.43 -5.19
C GLY B 191 -26.42 6.15 -6.01
N LEU B 192 -25.39 6.94 -5.80
CA LEU B 192 -24.14 6.70 -6.53
C LEU B 192 -23.12 6.14 -5.56
N PHE B 193 -22.46 5.06 -5.95
CA PHE B 193 -21.48 4.39 -5.06
C PHE B 193 -20.16 4.04 -5.74
N TYR B 194 -19.10 4.09 -4.96
CA TYR B 194 -17.79 3.63 -5.42
C TYR B 194 -17.77 2.21 -4.90
N ALA B 195 -16.92 1.37 -5.48
CA ALA B 195 -16.77 0.01 -5.00
C ALA B 195 -15.29 -0.11 -4.66
N LEU B 196 -14.99 -0.71 -3.52
CA LEU B 196 -13.62 -0.96 -3.13
C LEU B 196 -13.19 -2.06 -4.12
N PRO B 197 -11.93 -2.05 -4.55
CA PRO B 197 -11.45 -3.06 -5.52
C PRO B 197 -11.31 -4.51 -5.08
N GLN B 198 -11.89 -5.44 -5.84
CA GLN B 198 -11.74 -6.85 -5.51
C GLN B 198 -10.33 -7.26 -5.86
N SER B 199 -9.70 -6.47 -6.73
CA SER B 199 -8.32 -6.63 -7.18
C SER B 199 -8.04 -5.47 -8.13
N PRO B 200 -6.75 -5.25 -8.50
CA PRO B 200 -6.35 -4.17 -9.41
C PRO B 200 -6.41 -4.64 -10.88
N GLN B 201 -6.90 -5.87 -11.09
CA GLN B 201 -6.97 -6.49 -12.40
C GLN B 201 -7.11 -5.54 -13.61
N LEU B 202 -8.24 -4.87 -13.76
CA LEU B 202 -8.42 -3.98 -14.90
C LEU B 202 -7.40 -2.81 -14.93
N PHE B 203 -7.03 -2.25 -13.79
CA PHE B 203 -6.03 -1.19 -13.86
C PHE B 203 -4.65 -1.69 -14.28
N LYS B 204 -4.28 -2.89 -13.81
CA LYS B 204 -2.96 -3.44 -14.13
C LYS B 204 -2.90 -3.71 -15.63
N GLN B 205 -4.02 -4.14 -16.22
CA GLN B 205 -4.06 -4.37 -17.68
C GLN B 205 -4.03 -3.05 -18.50
N MET B 206 -4.71 -2.02 -18.01
CA MET B 206 -4.72 -0.75 -18.70
C MET B 206 -3.34 -0.15 -18.59
N LEU B 207 -2.59 -0.55 -17.57
CA LEU B 207 -1.24 0.01 -17.40
C LEU B 207 -0.34 -0.65 -18.46
N MET B 208 -0.71 -1.83 -18.93
CA MET B 208 0.05 -2.52 -19.97
C MET B 208 -0.34 -1.84 -21.31
N VAL B 209 -1.61 -1.50 -21.41
CA VAL B 209 -2.09 -0.80 -22.59
C VAL B 209 -1.34 0.56 -22.65
N ALA B 210 -0.99 1.11 -21.49
CA ALA B 210 -0.28 2.40 -21.43
C ALA B 210 1.21 2.27 -21.74
N GLY B 211 1.67 1.05 -22.05
CA GLY B 211 3.07 0.94 -22.39
C GLY B 211 4.11 0.91 -21.29
N LEU B 212 3.70 0.88 -20.02
CA LEU B 212 4.72 0.74 -18.97
C LEU B 212 5.08 -0.68 -19.33
N ASP B 213 6.01 -1.36 -18.72
CA ASP B 213 6.01 -2.71 -19.43
C ASP B 213 5.79 -3.93 -18.54
N ARG B 214 6.00 -3.67 -17.28
CA ARG B 214 5.90 -4.65 -16.25
C ARG B 214 5.62 -3.74 -15.06
N TYR B 215 4.58 -4.11 -14.31
CA TYR B 215 4.14 -3.38 -13.16
C TYR B 215 3.96 -4.32 -11.97
N PHE B 216 3.95 -3.75 -10.76
CA PHE B 216 3.64 -4.52 -9.54
C PHE B 216 3.12 -3.61 -8.47
N GLN B 217 2.54 -4.20 -7.46
CA GLN B 217 1.98 -3.40 -6.41
C GLN B 217 1.70 -4.32 -5.25
N ILE B 218 1.90 -3.80 -4.04
CA ILE B 218 1.52 -4.58 -2.88
C ILE B 218 0.12 -3.97 -2.74
N ALA B 219 -0.88 -4.66 -3.29
CA ALA B 219 -2.24 -4.13 -3.35
C ALA B 219 -3.23 -4.60 -2.32
N ARG B 220 -3.92 -3.68 -1.64
CA ARG B 220 -4.94 -4.07 -0.66
C ARG B 220 -6.18 -4.42 -1.46
N CYS B 221 -6.78 -5.56 -1.13
CA CYS B 221 -7.94 -6.05 -1.87
C CYS B 221 -9.16 -6.21 -0.98
N PHE B 222 -10.34 -6.06 -1.57
CA PHE B 222 -11.56 -6.12 -0.77
C PHE B 222 -12.59 -7.02 -1.34
N ARG B 223 -12.94 -8.03 -0.56
CA ARG B 223 -13.94 -9.01 -0.96
C ARG B 223 -14.89 -9.32 0.21
N ASP B 224 -16.18 -9.05 -0.02
CA ASP B 224 -17.22 -9.30 0.96
C ASP B 224 -17.70 -10.71 0.65
N GLU B 225 -17.09 -11.69 1.29
CA GLU B 225 -17.44 -13.09 1.05
C GLU B 225 -17.29 -13.82 2.37
N ASP B 226 -17.79 -15.04 2.45
CA ASP B 226 -17.70 -15.81 3.69
C ASP B 226 -16.27 -15.88 4.17
N LEU B 227 -16.06 -15.54 5.42
CA LEU B 227 -14.70 -15.54 5.95
C LEU B 227 -14.24 -16.84 6.57
N ARG B 228 -12.93 -16.90 6.84
CA ARG B 228 -12.26 -18.06 7.47
C ARG B 228 -10.74 -17.83 7.60
N ALA B 229 -10.08 -18.78 8.27
CA ALA B 229 -8.64 -18.75 8.56
C ALA B 229 -7.68 -18.31 7.46
N ASP B 230 -8.12 -18.43 6.20
CA ASP B 230 -7.27 -18.03 5.09
C ASP B 230 -7.99 -16.99 4.26
N ARG B 231 -8.96 -16.32 4.91
CA ARG B 231 -9.78 -15.26 4.31
C ARG B 231 -10.09 -14.06 5.22
N GLN B 232 -9.75 -12.86 4.76
CA GLN B 232 -10.05 -11.64 5.50
C GLN B 232 -10.87 -10.80 4.55
N PRO B 233 -11.74 -9.94 5.08
CA PRO B 233 -12.51 -9.14 4.11
C PRO B 233 -11.63 -8.15 3.35
N ASP B 234 -10.46 -7.86 3.90
CA ASP B 234 -9.54 -6.89 3.32
C ASP B 234 -8.18 -7.56 3.51
N PHE B 235 -7.55 -7.90 2.39
CA PHE B 235 -6.27 -8.57 2.39
C PHE B 235 -5.31 -7.98 1.36
N THR B 236 -4.12 -8.54 1.34
CA THR B 236 -3.02 -8.06 0.52
C THR B 236 -2.46 -9.04 -0.47
N GLN B 237 -2.33 -8.57 -1.71
CA GLN B 237 -1.77 -9.36 -2.79
C GLN B 237 -0.48 -8.75 -3.28
N LEU B 238 0.43 -9.57 -3.77
CA LEU B 238 1.59 -9.00 -4.46
C LEU B 238 1.00 -9.12 -5.88
N ASP B 239 0.67 -7.99 -6.50
CA ASP B 239 0.01 -7.95 -7.80
C ASP B 239 1.01 -7.62 -8.87
N LEU B 240 0.97 -8.33 -9.98
CA LEU B 240 2.01 -8.10 -10.98
C LEU B 240 1.52 -8.30 -12.39
N GLU B 241 2.06 -7.53 -13.33
CA GLU B 241 1.64 -7.67 -14.73
C GLU B 241 2.84 -7.41 -15.65
N MET B 242 2.89 -8.10 -16.78
CA MET B 242 3.98 -7.97 -17.73
C MET B 242 3.48 -7.99 -19.13
N SER B 243 4.20 -7.32 -20.05
CA SER B 243 3.79 -7.27 -21.45
C SER B 243 4.66 -8.17 -22.37
N PHE B 244 4.10 -8.62 -23.49
CA PHE B 244 4.86 -9.44 -24.43
C PHE B 244 5.44 -10.70 -23.82
N VAL B 245 4.64 -11.38 -23.01
CA VAL B 245 5.06 -12.59 -22.34
C VAL B 245 4.14 -13.75 -22.66
N GLU B 246 4.68 -14.95 -22.48
CA GLU B 246 3.89 -16.15 -22.64
C GLU B 246 3.84 -16.76 -21.26
N VAL B 247 3.07 -17.81 -21.06
CA VAL B 247 3.01 -18.43 -19.74
C VAL B 247 4.40 -18.72 -19.14
N GLU B 248 5.33 -19.26 -19.94
CA GLU B 248 6.65 -19.58 -19.39
C GLU B 248 7.34 -18.39 -18.77
N ASP B 249 7.26 -17.25 -19.43
CA ASP B 249 7.90 -16.05 -18.92
C ASP B 249 7.39 -15.67 -17.54
N VAL B 250 6.07 -15.68 -17.39
CA VAL B 250 5.50 -15.32 -16.12
C VAL B 250 5.93 -16.33 -15.04
N LEU B 251 5.96 -17.61 -15.39
CA LEU B 251 6.33 -18.58 -14.37
C LEU B 251 7.80 -18.48 -13.92
N GLU B 252 8.70 -18.23 -14.88
CA GLU B 252 10.10 -18.12 -14.58
C GLU B 252 10.34 -16.91 -13.71
N LEU B 253 9.65 -15.82 -14.03
CA LEU B 253 9.81 -14.59 -13.28
C LEU B 253 9.33 -14.84 -11.85
N ASN B 254 8.23 -15.56 -11.69
CA ASN B 254 7.74 -15.75 -10.34
C ASN B 254 8.60 -16.69 -9.51
N GLU B 255 9.21 -17.66 -10.17
CA GLU B 255 10.05 -18.62 -9.47
C GLU B 255 11.29 -17.96 -8.92
N ARG B 256 11.90 -17.12 -9.72
CA ARG B 256 13.08 -16.44 -9.23
C ARG B 256 12.68 -15.45 -8.14
N LEU B 257 11.53 -14.82 -8.27
CA LEU B 257 11.04 -13.86 -7.28
C LEU B 257 10.89 -14.58 -5.93
N MET B 258 10.14 -15.68 -5.96
CA MET B 258 9.87 -16.50 -4.78
C MET B 258 11.15 -17.08 -4.15
N ALA B 259 12.13 -17.43 -4.98
CA ALA B 259 13.40 -17.97 -4.48
C ALA B 259 14.07 -16.86 -3.71
N HIS B 260 14.07 -15.66 -4.27
CA HIS B 260 14.70 -14.49 -3.64
C HIS B 260 14.06 -14.19 -2.31
N VAL B 261 12.72 -14.19 -2.28
CA VAL B 261 12.01 -13.90 -1.05
C VAL B 261 12.40 -14.89 0.03
N PHE B 262 12.45 -16.18 -0.28
CA PHE B 262 12.82 -17.20 0.72
C PHE B 262 14.26 -17.14 1.18
N ARG B 263 15.15 -16.89 0.23
CA ARG B 263 16.56 -16.78 0.48
C ARG B 263 16.74 -15.60 1.43
N GLU B 264 16.20 -14.44 1.06
CA GLU B 264 16.34 -13.24 1.92
C GLU B 264 15.59 -13.27 3.25
N ALA B 265 14.34 -13.65 3.21
CA ALA B 265 13.51 -13.64 4.40
C ALA B 265 13.76 -14.79 5.34
N LEU B 266 13.99 -15.98 4.81
CA LEU B 266 14.17 -17.12 5.66
C LEU B 266 15.53 -17.79 5.62
N GLY B 267 16.35 -17.47 4.61
CA GLY B 267 17.64 -18.11 4.49
C GLY B 267 17.43 -19.53 4.00
N VAL B 268 16.36 -19.72 3.23
CA VAL B 268 16.01 -21.00 2.64
C VAL B 268 16.18 -20.97 1.11
N GLU B 269 16.92 -21.94 0.58
CA GLU B 269 17.18 -22.06 -0.85
C GLU B 269 16.09 -22.92 -1.47
N LEU B 270 15.23 -22.35 -2.31
CA LEU B 270 14.17 -23.13 -2.96
C LEU B 270 14.70 -23.79 -4.22
N PRO B 271 14.51 -25.11 -4.37
CA PRO B 271 15.05 -25.63 -5.63
C PRO B 271 14.16 -25.26 -6.82
N LEU B 272 14.77 -24.72 -7.87
CA LEU B 272 14.01 -24.36 -9.05
C LEU B 272 14.33 -25.31 -10.20
N PRO B 273 13.39 -25.46 -11.14
CA PRO B 273 12.06 -24.82 -11.20
C PRO B 273 11.08 -25.64 -10.37
N PHE B 274 9.95 -25.03 -9.99
CA PHE B 274 8.93 -25.71 -9.22
C PHE B 274 8.28 -26.80 -10.04
N PRO B 275 7.86 -27.90 -9.41
CA PRO B 275 7.24 -28.89 -10.31
C PRO B 275 5.94 -28.32 -10.86
N ARG B 276 5.50 -28.83 -11.99
CA ARG B 276 4.26 -28.40 -12.60
C ARG B 276 3.30 -29.56 -12.81
N LEU B 277 2.01 -29.34 -12.61
CA LEU B 277 1.05 -30.39 -12.88
C LEU B 277 -0.11 -29.73 -13.57
N SER B 278 -0.68 -30.42 -14.55
CA SER B 278 -1.84 -29.86 -15.23
C SER B 278 -2.98 -30.04 -14.23
N TYR B 279 -4.04 -29.29 -14.43
CA TYR B 279 -5.21 -29.41 -13.58
C TYR B 279 -5.64 -30.88 -13.50
N GLU B 280 -5.68 -31.53 -14.65
CA GLU B 280 -6.09 -32.92 -14.77
C GLU B 280 -5.16 -33.87 -13.99
N GLU B 281 -3.84 -33.69 -14.13
CA GLU B 281 -2.91 -34.53 -13.39
C GLU B 281 -3.07 -34.30 -11.87
N ALA B 282 -3.30 -33.05 -11.48
CA ALA B 282 -3.44 -32.73 -10.07
C ALA B 282 -4.68 -33.40 -9.51
N MET B 283 -5.75 -33.41 -10.29
CA MET B 283 -6.98 -34.05 -9.85
C MET B 283 -6.83 -35.59 -9.86
N GLU B 284 -6.13 -36.13 -10.84
CA GLU B 284 -5.94 -37.57 -10.92
C GLU B 284 -5.08 -38.10 -9.77
N ARG B 285 -3.93 -37.46 -9.57
CA ARG B 285 -2.97 -37.85 -8.54
C ARG B 285 -3.21 -37.43 -7.08
N TYR B 286 -4.04 -36.40 -6.86
CA TYR B 286 -4.29 -35.91 -5.51
C TYR B 286 -5.71 -35.55 -5.21
N GLY B 287 -6.57 -35.58 -6.23
CA GLY B 287 -7.95 -35.18 -6.01
C GLY B 287 -8.05 -33.73 -5.53
N SER B 288 -7.19 -32.87 -6.05
CA SER B 288 -7.17 -31.46 -5.63
C SER B 288 -6.38 -30.57 -6.60
N ASP B 289 -6.82 -29.34 -6.83
CA ASP B 289 -6.07 -28.47 -7.73
C ASP B 289 -5.10 -27.64 -6.91
N LYS B 290 -4.84 -28.11 -5.70
CA LYS B 290 -3.90 -27.44 -4.82
C LYS B 290 -3.32 -28.55 -3.94
N PRO B 291 -2.52 -29.42 -4.56
CA PRO B 291 -1.88 -30.55 -3.87
C PRO B 291 -0.95 -30.17 -2.72
N ASP B 292 -0.94 -30.98 -1.67
CA ASP B 292 -0.01 -30.76 -0.59
C ASP B 292 1.05 -31.87 -0.89
N LEU B 293 2.22 -31.46 -1.36
CA LEU B 293 3.27 -32.41 -1.72
C LEU B 293 4.24 -32.70 -0.59
N ARG B 294 3.90 -32.28 0.62
CA ARG B 294 4.79 -32.54 1.74
C ARG B 294 4.71 -34.01 2.19
N PHE B 295 4.03 -34.83 1.39
CA PHE B 295 3.94 -36.25 1.68
C PHE B 295 3.42 -36.96 0.43
N GLY B 296 3.60 -38.28 0.37
CA GLY B 296 3.20 -38.99 -0.83
C GLY B 296 1.74 -39.36 -0.86
N LEU B 297 1.45 -40.63 -0.60
CA LEU B 297 0.11 -41.20 -0.60
C LEU B 297 -0.58 -40.77 -1.89
N GLU B 298 0.16 -40.82 -2.99
CA GLU B 298 -0.38 -40.41 -4.28
C GLU B 298 -1.56 -41.32 -4.65
N LEU B 299 -2.59 -40.77 -5.32
CA LEU B 299 -3.74 -41.57 -5.71
C LEU B 299 -3.41 -42.37 -6.98
N LYS B 300 -3.96 -43.58 -7.07
CA LYS B 300 -3.74 -44.45 -8.23
C LYS B 300 -5.08 -44.96 -8.77
N GLU B 301 -5.18 -45.04 -10.09
CA GLU B 301 -6.38 -45.57 -10.71
C GLU B 301 -6.15 -47.08 -10.71
N VAL B 302 -7.13 -47.81 -10.26
CA VAL B 302 -6.92 -49.23 -10.12
C VAL B 302 -8.20 -49.94 -10.56
N GLY B 303 -9.10 -49.16 -11.17
CA GLY B 303 -10.37 -49.68 -11.63
C GLY B 303 -10.21 -50.80 -12.65
N PRO B 304 -9.28 -50.64 -13.61
CA PRO B 304 -9.06 -51.68 -14.62
C PRO B 304 -8.60 -53.02 -14.05
N LEU B 305 -8.30 -53.04 -12.75
CA LEU B 305 -7.88 -54.25 -12.05
C LEU B 305 -9.10 -54.95 -11.50
N PHE B 306 -10.20 -54.22 -11.37
CA PHE B 306 -11.43 -54.80 -10.83
C PHE B 306 -12.60 -54.77 -11.82
N ARG B 307 -12.32 -54.93 -13.11
CA ARG B 307 -13.40 -54.92 -14.10
C ARG B 307 -14.26 -56.21 -14.06
N GLN B 308 -13.78 -57.20 -13.32
CA GLN B 308 -14.45 -58.48 -13.12
C GLN B 308 -14.06 -58.89 -11.70
N SER B 309 -14.71 -58.29 -10.71
CA SER B 309 -14.38 -58.55 -9.32
C SER B 309 -15.63 -58.97 -8.55
N GLY B 310 -15.41 -59.82 -7.54
CA GLY B 310 -16.46 -60.32 -6.69
C GLY B 310 -17.21 -59.23 -5.94
N PHE B 311 -16.55 -58.09 -5.82
CA PHE B 311 -17.07 -56.93 -5.10
C PHE B 311 -17.76 -55.94 -6.06
N ARG B 312 -19.09 -55.87 -5.99
CA ARG B 312 -19.91 -55.01 -6.85
C ARG B 312 -19.40 -53.58 -6.96
N VAL B 313 -19.12 -52.96 -5.81
CA VAL B 313 -18.67 -51.57 -5.78
C VAL B 313 -17.49 -51.33 -6.66
N PHE B 314 -16.45 -52.14 -6.58
CA PHE B 314 -15.30 -51.88 -7.44
C PHE B 314 -15.62 -52.29 -8.85
N GLN B 315 -16.59 -53.18 -8.99
CA GLN B 315 -17.01 -53.75 -10.27
C GLN B 315 -17.85 -52.81 -11.13
N GLU B 316 -18.89 -52.22 -10.53
CA GLU B 316 -19.76 -51.29 -11.26
C GLU B 316 -19.49 -49.80 -11.05
N ALA B 317 -18.26 -49.47 -10.65
CA ALA B 317 -17.87 -48.06 -10.48
C ALA B 317 -17.05 -47.69 -11.71
N GLU B 318 -17.12 -46.41 -12.10
CA GLU B 318 -16.37 -45.91 -13.26
C GLU B 318 -14.86 -45.84 -12.97
N SER B 319 -14.52 -45.60 -11.72
CA SER B 319 -13.13 -45.53 -11.31
C SER B 319 -12.98 -46.05 -9.89
N VAL B 320 -11.80 -46.59 -9.59
CA VAL B 320 -11.53 -47.05 -8.25
C VAL B 320 -10.18 -46.45 -7.92
N LYS B 321 -10.17 -45.51 -6.98
CA LYS B 321 -8.92 -44.87 -6.59
C LYS B 321 -8.40 -45.55 -5.34
N ALA B 322 -7.10 -45.82 -5.32
CA ALA B 322 -6.47 -46.42 -4.16
C ALA B 322 -5.24 -45.59 -3.75
N LEU B 323 -4.81 -45.78 -2.52
CA LEU B 323 -3.63 -45.09 -2.05
C LEU B 323 -3.08 -46.02 -0.97
N ALA B 324 -1.79 -45.86 -0.68
CA ALA B 324 -1.13 -46.65 0.34
C ALA B 324 -0.74 -45.83 1.58
N LEU B 325 -1.17 -46.26 2.77
CA LEU B 325 -0.78 -45.59 4.01
C LEU B 325 0.36 -46.43 4.59
N PRO B 326 1.48 -45.80 4.97
CA PRO B 326 2.65 -46.48 5.54
C PRO B 326 2.48 -46.99 6.97
N LYS B 327 1.37 -46.64 7.60
CA LYS B 327 1.13 -47.05 8.98
C LYS B 327 -0.32 -47.49 9.05
N ALA B 328 -0.69 -48.18 10.13
CA ALA B 328 -2.06 -48.67 10.29
C ALA B 328 -3.01 -47.64 10.88
N LEU B 329 -4.29 -47.79 10.54
CA LEU B 329 -5.32 -46.90 11.05
C LEU B 329 -6.06 -47.62 12.18
N SER B 330 -6.50 -46.88 13.19
CA SER B 330 -7.28 -47.47 14.25
C SER B 330 -8.69 -47.58 13.67
N ARG B 331 -9.59 -48.31 14.35
CA ARG B 331 -10.95 -48.44 13.86
C ARG B 331 -11.67 -47.10 13.80
N LYS B 332 -11.50 -46.27 14.84
CA LYS B 332 -12.15 -44.96 14.87
C LYS B 332 -11.69 -44.17 13.63
N GLU B 333 -10.38 -44.15 13.42
CA GLU B 333 -9.81 -43.43 12.29
C GLU B 333 -10.37 -43.90 10.96
N VAL B 334 -10.52 -45.22 10.79
CA VAL B 334 -11.06 -45.76 9.56
C VAL B 334 -12.49 -45.25 9.43
N ALA B 335 -13.17 -45.12 10.56
CA ALA B 335 -14.55 -44.64 10.56
C ALA B 335 -14.59 -43.17 10.16
N GLU B 336 -13.63 -42.40 10.67
CA GLU B 336 -13.54 -40.97 10.37
C GLU B 336 -13.26 -40.74 8.90
N LEU B 337 -12.23 -41.41 8.41
CA LEU B 337 -11.86 -41.28 6.99
C LEU B 337 -13.07 -41.71 6.13
N GLU B 338 -13.88 -42.62 6.69
CA GLU B 338 -15.04 -43.09 5.95
C GLU B 338 -16.04 -41.93 5.87
N GLU B 339 -16.24 -41.28 7.02
CA GLU B 339 -17.14 -40.12 7.12
C GLU B 339 -16.66 -39.02 6.16
N VAL B 340 -15.34 -38.82 6.10
CA VAL B 340 -14.75 -37.86 5.20
C VAL B 340 -15.05 -38.19 3.72
N ALA B 341 -14.96 -39.46 3.35
CA ALA B 341 -15.24 -39.87 1.98
C ALA B 341 -16.70 -39.63 1.61
N LYS B 342 -17.59 -39.83 2.58
CA LYS B 342 -19.03 -39.66 2.37
C LYS B 342 -19.41 -38.20 2.21
N ARG B 343 -18.75 -37.34 2.99
CA ARG B 343 -19.02 -35.91 2.91
C ARG B 343 -18.58 -35.36 1.58
N HIS B 344 -17.93 -36.19 0.76
CA HIS B 344 -17.47 -35.79 -0.57
C HIS B 344 -18.13 -36.60 -1.68
N LYS B 345 -19.41 -36.90 -1.50
CA LYS B 345 -20.24 -37.64 -2.48
C LYS B 345 -19.93 -39.11 -2.79
N ALA B 346 -18.89 -39.67 -2.18
CA ALA B 346 -18.54 -41.07 -2.41
C ALA B 346 -19.39 -41.93 -1.49
N GLN B 347 -19.81 -43.08 -2.00
CA GLN B 347 -20.63 -44.01 -1.26
C GLN B 347 -19.97 -44.55 -0.01
N GLY B 348 -18.64 -44.65 -0.04
CA GLY B 348 -17.92 -45.14 1.13
C GLY B 348 -16.44 -45.30 0.86
N LEU B 349 -15.75 -45.94 1.81
CA LEU B 349 -14.32 -46.16 1.74
C LEU B 349 -14.05 -47.65 1.99
N ALA B 350 -12.96 -48.15 1.43
CA ALA B 350 -12.56 -49.54 1.63
C ALA B 350 -11.08 -49.59 2.01
N TRP B 351 -10.66 -50.65 2.67
CA TRP B 351 -9.27 -50.74 3.08
C TRP B 351 -8.83 -52.19 3.20
N ALA B 352 -7.55 -52.39 3.48
CA ALA B 352 -6.99 -53.70 3.65
C ALA B 352 -5.53 -53.54 3.99
N ARG B 353 -5.03 -54.36 4.91
CA ARG B 353 -3.63 -54.32 5.30
C ARG B 353 -2.78 -55.05 4.29
N VAL B 354 -1.57 -54.58 4.08
CA VAL B 354 -0.69 -55.25 3.16
C VAL B 354 0.27 -56.08 4.01
N GLU B 355 0.07 -57.38 3.97
CA GLU B 355 0.84 -58.34 4.72
C GLU B 355 2.07 -58.78 3.94
N GLU B 356 3.04 -59.38 4.61
CA GLU B 356 4.20 -59.91 3.91
C GLU B 356 3.46 -61.05 3.19
N GLY B 357 3.56 -61.10 1.85
CA GLY B 357 2.91 -62.16 1.13
C GLY B 357 1.39 -62.23 0.99
N GLY B 358 0.64 -61.25 1.49
CA GLY B 358 -0.81 -61.30 1.33
C GLY B 358 -1.53 -60.05 1.83
N PHE B 359 -2.82 -60.18 2.12
CA PHE B 359 -3.63 -59.08 2.63
C PHE B 359 -4.55 -59.58 3.71
N SER B 360 -4.85 -58.74 4.70
CA SER B 360 -5.79 -59.11 5.76
C SER B 360 -6.69 -57.90 6.03
N GLY B 361 -7.93 -58.16 6.43
CA GLY B 361 -8.82 -57.07 6.76
C GLY B 361 -9.68 -56.48 5.64
N GLY B 362 -10.74 -55.81 6.04
CA GLY B 362 -11.61 -55.16 5.09
C GLY B 362 -11.92 -55.94 3.84
N VAL B 363 -11.43 -55.49 2.69
CA VAL B 363 -11.68 -56.16 1.41
C VAL B 363 -10.51 -57.02 0.93
N ALA B 364 -9.67 -57.49 1.84
CA ALA B 364 -8.48 -58.26 1.43
C ALA B 364 -8.76 -59.46 0.52
N LYS B 365 -9.90 -60.12 0.70
CA LYS B 365 -10.15 -61.29 -0.13
C LYS B 365 -10.29 -60.96 -1.60
N PHE B 366 -10.76 -59.76 -1.93
CA PHE B 366 -10.91 -59.38 -3.33
C PHE B 366 -9.62 -58.84 -3.90
N LEU B 367 -8.64 -58.64 -3.04
CA LEU B 367 -7.38 -58.12 -3.51
C LEU B 367 -6.44 -59.25 -3.86
N GLU B 368 -6.53 -60.34 -3.12
CA GLU B 368 -5.66 -61.51 -3.36
C GLU B 368 -5.62 -61.97 -4.83
N PRO B 369 -6.78 -61.98 -5.52
CA PRO B 369 -6.79 -62.40 -6.94
C PRO B 369 -5.96 -61.50 -7.89
N VAL B 370 -5.59 -60.30 -7.43
CA VAL B 370 -4.80 -59.37 -8.24
C VAL B 370 -3.62 -58.82 -7.48
N ARG B 371 -3.27 -59.51 -6.40
CA ARG B 371 -2.20 -59.08 -5.55
C ARG B 371 -0.95 -58.50 -6.18
N GLU B 372 -0.38 -59.15 -7.20
CA GLU B 372 0.87 -58.62 -7.75
C GLU B 372 0.70 -57.41 -8.66
N ALA B 373 -0.45 -57.34 -9.34
CA ALA B 373 -0.74 -56.21 -10.22
C ALA B 373 -1.07 -54.99 -9.33
N LEU B 374 -1.78 -55.26 -8.25
CA LEU B 374 -2.22 -54.25 -7.32
C LEU B 374 -1.04 -53.66 -6.54
N LEU B 375 -0.15 -54.52 -6.07
CA LEU B 375 1.00 -54.05 -5.31
C LEU B 375 1.96 -53.33 -6.26
N GLN B 376 1.89 -53.70 -7.54
CA GLN B 376 2.71 -53.10 -8.59
C GLN B 376 2.26 -51.63 -8.67
N ALA B 377 0.98 -51.47 -9.02
CA ALA B 377 0.30 -50.19 -9.17
C ALA B 377 0.32 -49.27 -7.95
N THR B 378 0.41 -49.80 -6.74
CA THR B 378 0.40 -48.96 -5.55
C THR B 378 1.73 -48.86 -4.83
N GLU B 379 2.69 -49.66 -5.26
CA GLU B 379 4.01 -49.72 -4.62
C GLU B 379 3.83 -49.95 -3.11
N ALA B 380 2.72 -50.55 -2.72
CA ALA B 380 2.49 -50.80 -1.31
C ALA B 380 3.50 -51.82 -0.83
N ARG B 381 3.81 -51.77 0.46
CA ARG B 381 4.77 -52.66 1.07
C ARG B 381 4.15 -53.28 2.30
N PRO B 382 4.72 -54.39 2.81
CA PRO B 382 4.15 -55.01 4.00
C PRO B 382 4.17 -53.99 5.11
N GLY B 383 3.11 -53.90 5.89
CA GLY B 383 3.07 -52.92 6.95
C GLY B 383 2.19 -51.75 6.57
N ASP B 384 1.87 -51.63 5.28
CA ASP B 384 1.00 -50.57 4.79
C ASP B 384 -0.47 -50.93 4.94
N THR B 385 -1.34 -50.00 4.61
CA THR B 385 -2.77 -50.23 4.61
C THR B 385 -3.19 -49.58 3.31
N LEU B 386 -4.02 -50.24 2.54
CA LEU B 386 -4.48 -49.66 1.28
C LEU B 386 -5.85 -49.09 1.55
N LEU B 387 -6.12 -47.93 0.95
CA LEU B 387 -7.40 -47.26 1.12
C LEU B 387 -7.99 -47.26 -0.28
N PHE B 388 -9.30 -47.40 -0.35
CA PHE B 388 -10.00 -47.42 -1.64
C PHE B 388 -11.32 -46.64 -1.67
N VAL B 389 -11.57 -45.91 -2.76
CA VAL B 389 -12.86 -45.21 -2.95
C VAL B 389 -13.18 -45.42 -4.41
N ALA B 390 -14.41 -45.88 -4.63
CA ALA B 390 -14.93 -46.16 -5.96
C ALA B 390 -16.13 -45.27 -6.26
N GLY B 391 -16.41 -45.11 -7.55
CA GLY B 391 -17.53 -44.30 -7.96
C GLY B 391 -17.18 -43.61 -9.25
N PRO B 392 -17.94 -42.58 -9.62
CA PRO B 392 -17.63 -41.87 -10.87
C PRO B 392 -16.30 -41.13 -10.71
N ARG B 393 -15.61 -40.95 -11.84
CA ARG B 393 -14.28 -40.34 -11.82
C ARG B 393 -13.93 -39.21 -10.85
N LYS B 394 -14.47 -38.02 -11.06
CA LYS B 394 -14.14 -36.89 -10.18
C LYS B 394 -14.47 -37.12 -8.71
N VAL B 395 -15.48 -37.93 -8.45
CA VAL B 395 -15.89 -38.20 -7.07
C VAL B 395 -14.89 -39.12 -6.38
N ALA B 396 -14.42 -40.13 -7.11
CA ALA B 396 -13.46 -41.05 -6.54
C ALA B 396 -12.27 -40.23 -6.13
N ALA B 397 -11.73 -39.49 -7.11
CA ALA B 397 -10.56 -38.64 -6.90
C ALA B 397 -10.75 -37.65 -5.76
N THR B 398 -11.76 -36.81 -5.87
CA THR B 398 -11.99 -35.83 -4.83
C THR B 398 -12.14 -36.44 -3.46
N ALA B 399 -13.05 -37.39 -3.29
CA ALA B 399 -13.20 -38.00 -1.98
C ALA B 399 -11.89 -38.64 -1.45
N LEU B 400 -11.26 -39.54 -2.20
CA LEU B 400 -10.03 -40.15 -1.69
C LEU B 400 -9.03 -39.02 -1.44
N GLY B 401 -9.04 -38.01 -2.32
CA GLY B 401 -8.15 -36.87 -2.13
C GLY B 401 -8.28 -36.28 -0.74
N ALA B 402 -9.50 -35.96 -0.34
CA ALA B 402 -9.74 -35.38 1.00
C ALA B 402 -9.35 -36.35 2.13
N VAL B 403 -9.60 -37.65 1.90
CA VAL B 403 -9.26 -38.70 2.87
C VAL B 403 -7.75 -38.70 3.06
N ARG B 404 -7.02 -38.48 1.96
CA ARG B 404 -5.57 -38.45 1.97
C ARG B 404 -5.08 -37.39 2.95
N LEU B 405 -5.62 -36.20 2.80
CA LEU B 405 -5.24 -35.10 3.70
C LEU B 405 -5.51 -35.46 5.14
N ARG B 406 -6.74 -35.89 5.43
CA ARG B 406 -7.12 -36.26 6.78
C ARG B 406 -6.23 -37.38 7.34
N ALA B 407 -5.83 -38.31 6.48
CA ALA B 407 -4.99 -39.41 6.92
C ALA B 407 -3.59 -38.96 7.31
N ALA B 408 -3.09 -37.94 6.60
CA ALA B 408 -1.75 -37.46 6.91
C ALA B 408 -1.74 -36.84 8.31
N ASP B 409 -2.86 -36.21 8.67
CA ASP B 409 -3.02 -35.59 9.99
C ASP B 409 -3.01 -36.67 11.05
N LEU B 410 -4.01 -37.55 10.95
CA LEU B 410 -4.19 -38.65 11.89
C LEU B 410 -2.92 -39.48 11.98
N LEU B 411 -2.33 -39.85 10.87
CA LEU B 411 -1.10 -40.64 10.91
C LEU B 411 0.04 -39.71 11.26
N GLY B 412 -0.32 -38.44 11.42
CA GLY B 412 0.67 -37.44 11.75
C GLY B 412 1.85 -37.58 10.81
N LEU B 413 1.59 -37.70 9.50
CA LEU B 413 2.68 -37.85 8.55
C LEU B 413 3.59 -36.64 8.53
N LYS B 414 4.89 -36.93 8.69
CA LYS B 414 5.99 -35.96 8.71
C LYS B 414 6.02 -34.91 7.56
N ARG B 415 5.30 -33.82 7.73
CA ARG B 415 5.24 -32.75 6.74
C ARG B 415 6.15 -31.59 7.19
N GLU B 416 7.25 -31.40 6.49
CA GLU B 416 8.20 -30.32 6.80
C GLU B 416 8.67 -29.56 5.57
N GLY B 417 9.04 -28.29 5.79
CA GLY B 417 9.52 -27.48 4.69
C GLY B 417 8.43 -26.88 3.82
N PHE B 418 8.83 -26.47 2.63
CA PHE B 418 7.94 -25.86 1.66
C PHE B 418 7.97 -26.53 0.29
N ARG B 419 6.81 -26.97 -0.16
CA ARG B 419 6.69 -27.61 -1.44
C ARG B 419 5.76 -26.81 -2.35
N PHE B 420 6.35 -26.11 -3.30
CA PHE B 420 5.61 -25.31 -4.25
C PHE B 420 5.30 -26.12 -5.50
N LEU B 421 4.28 -25.70 -6.24
CA LEU B 421 4.00 -26.32 -7.54
C LEU B 421 3.07 -25.39 -8.26
N TRP B 422 3.11 -25.49 -9.59
CA TRP B 422 2.27 -24.74 -10.50
C TRP B 422 1.24 -25.76 -10.98
N VAL B 423 -0.03 -25.37 -10.95
CA VAL B 423 -1.07 -26.20 -11.49
C VAL B 423 -1.43 -25.38 -12.73
N VAL B 424 -1.20 -25.95 -13.91
CA VAL B 424 -1.45 -25.29 -15.16
C VAL B 424 -2.53 -25.99 -15.96
N ASP B 425 -2.88 -25.42 -17.10
CA ASP B 425 -3.88 -25.96 -17.98
C ASP B 425 -5.27 -26.07 -17.34
N PHE B 426 -5.63 -25.04 -16.59
CA PHE B 426 -6.96 -25.00 -15.98
C PHE B 426 -7.99 -24.90 -17.12
N PRO B 427 -9.26 -25.20 -16.82
CA PRO B 427 -10.24 -25.07 -17.89
C PRO B 427 -10.58 -23.58 -17.91
N LEU B 428 -11.09 -23.05 -19.02
CA LEU B 428 -11.46 -21.66 -19.06
C LEU B 428 -12.67 -21.37 -18.18
N LEU B 429 -13.66 -22.25 -18.21
CA LEU B 429 -14.89 -22.04 -17.46
C LEU B 429 -15.11 -22.98 -16.29
N GLU B 430 -16.27 -22.84 -15.67
CA GLU B 430 -16.69 -23.68 -14.55
C GLU B 430 -18.19 -23.53 -14.49
N TRP B 431 -18.90 -24.65 -14.39
CA TRP B 431 -20.35 -24.55 -14.37
C TRP B 431 -20.97 -24.06 -13.08
N ASP B 432 -21.87 -23.08 -13.21
CA ASP B 432 -22.58 -22.54 -12.06
C ASP B 432 -23.93 -23.29 -11.99
N GLU B 433 -24.06 -24.14 -10.97
CA GLU B 433 -25.24 -24.97 -10.78
C GLU B 433 -26.50 -24.25 -10.25
N GLU B 434 -26.31 -23.31 -9.34
CA GLU B 434 -27.43 -22.55 -8.80
C GLU B 434 -27.89 -21.43 -9.77
N GLU B 435 -27.30 -21.44 -10.98
CA GLU B 435 -27.62 -20.46 -12.03
C GLU B 435 -27.96 -21.11 -13.36
N GLU B 436 -27.34 -22.26 -13.61
CA GLU B 436 -27.55 -23.00 -14.85
C GLU B 436 -27.03 -22.21 -16.05
N ALA B 437 -25.72 -21.96 -15.97
CA ALA B 437 -24.94 -21.22 -16.96
C ALA B 437 -23.46 -21.36 -16.59
N TRP B 438 -22.59 -20.94 -17.50
CA TRP B 438 -21.14 -20.98 -17.28
C TRP B 438 -20.63 -19.69 -16.64
N THR B 439 -19.59 -19.82 -15.83
CA THR B 439 -18.95 -18.66 -15.23
C THR B 439 -17.48 -18.85 -15.56
N TYR B 440 -16.67 -17.95 -15.06
CA TYR B 440 -15.25 -18.01 -15.27
C TYR B 440 -14.63 -18.84 -14.15
N MET B 441 -13.56 -19.55 -14.49
CA MET B 441 -12.84 -20.33 -13.52
C MET B 441 -11.93 -19.40 -12.66
N HIS B 442 -11.38 -18.34 -13.28
CA HIS B 442 -10.49 -17.40 -12.57
C HIS B 442 -11.14 -16.00 -12.61
N HIS B 443 -11.15 -15.41 -13.80
CA HIS B 443 -11.84 -14.17 -14.05
C HIS B 443 -12.05 -14.07 -15.56
N PRO B 444 -13.00 -13.23 -15.97
CA PRO B 444 -13.35 -13.01 -17.38
C PRO B 444 -12.28 -12.56 -18.36
N PHE B 445 -11.14 -12.06 -17.89
CA PHE B 445 -10.16 -11.57 -18.88
C PHE B 445 -9.10 -12.59 -19.19
N THR B 446 -9.34 -13.79 -18.70
CA THR B 446 -8.40 -14.86 -18.89
C THR B 446 -8.48 -15.38 -20.31
N SER B 447 -7.33 -15.48 -20.94
CA SER B 447 -7.27 -15.93 -22.31
C SER B 447 -7.45 -17.41 -22.50
N PRO B 448 -8.24 -17.78 -23.50
CA PRO B 448 -8.49 -19.19 -23.83
C PRO B 448 -7.21 -19.69 -24.50
N HIS B 449 -6.98 -20.99 -24.48
CA HIS B 449 -5.79 -21.52 -25.11
C HIS B 449 -5.95 -21.08 -26.57
N PRO B 450 -4.85 -20.62 -27.21
CA PRO B 450 -4.88 -20.15 -28.61
C PRO B 450 -5.62 -21.00 -29.65
N GLU B 451 -5.85 -22.27 -29.37
CA GLU B 451 -6.54 -23.06 -30.36
C GLU B 451 -7.85 -23.71 -29.93
N ASP B 452 -8.13 -23.79 -28.63
CA ASP B 452 -9.41 -24.38 -28.19
C ASP B 452 -10.50 -23.38 -28.53
N LEU B 453 -10.13 -22.35 -29.30
CA LEU B 453 -11.05 -21.29 -29.70
C LEU B 453 -12.33 -21.82 -30.36
N PRO B 454 -12.18 -22.73 -31.33
CA PRO B 454 -13.38 -23.27 -31.98
C PRO B 454 -14.29 -23.91 -30.92
N LEU B 455 -13.69 -24.75 -30.07
CA LEU B 455 -14.44 -25.45 -29.01
C LEU B 455 -15.17 -24.47 -28.09
N LEU B 456 -14.97 -23.18 -28.34
CA LEU B 456 -15.56 -22.15 -27.51
C LEU B 456 -17.09 -22.19 -27.46
N GLU B 457 -17.72 -21.60 -28.48
CA GLU B 457 -19.17 -21.55 -28.56
C GLU B 457 -19.69 -22.99 -28.68
N LYS B 458 -18.91 -23.81 -29.37
CA LYS B 458 -19.25 -25.22 -29.60
C LYS B 458 -19.16 -26.11 -28.35
N ASP B 459 -17.95 -26.24 -27.81
CA ASP B 459 -17.67 -27.11 -26.66
C ASP B 459 -17.23 -26.36 -25.39
N PRO B 460 -18.11 -25.50 -24.83
CA PRO B 460 -17.76 -24.75 -23.62
C PRO B 460 -17.60 -25.75 -22.49
N GLY B 461 -16.40 -25.82 -21.91
CA GLY B 461 -16.19 -26.79 -20.84
C GLY B 461 -14.94 -27.59 -21.17
N ARG B 462 -14.66 -27.73 -22.46
CA ARG B 462 -13.49 -28.47 -22.93
C ARG B 462 -12.40 -27.46 -23.23
N VAL B 463 -12.74 -26.19 -23.08
CA VAL B 463 -11.78 -25.12 -23.37
C VAL B 463 -10.76 -24.88 -22.28
N ARG B 464 -9.50 -24.98 -22.70
CA ARG B 464 -8.34 -24.75 -21.84
C ARG B 464 -8.01 -23.27 -21.77
N ALA B 465 -7.54 -22.86 -20.61
CA ALA B 465 -7.15 -21.48 -20.39
C ALA B 465 -5.64 -21.36 -20.11
N LEU B 466 -5.02 -20.27 -20.56
CA LEU B 466 -3.62 -20.01 -20.30
C LEU B 466 -3.60 -19.41 -18.86
N ALA B 467 -4.10 -20.21 -17.92
CA ALA B 467 -4.20 -19.85 -16.52
C ALA B 467 -3.35 -20.78 -15.66
N TYR B 468 -2.94 -20.30 -14.50
CA TYR B 468 -2.05 -21.06 -13.61
C TYR B 468 -2.22 -20.65 -12.16
N ASP B 469 -2.17 -21.63 -11.25
CA ASP B 469 -2.22 -21.32 -9.83
C ASP B 469 -0.86 -21.69 -9.26
N LEU B 470 -0.40 -20.93 -8.25
CA LEU B 470 0.84 -21.23 -7.56
C LEU B 470 0.34 -21.78 -6.21
N VAL B 471 0.86 -22.96 -5.85
CA VAL B 471 0.45 -23.56 -4.61
C VAL B 471 1.62 -23.93 -3.71
N LEU B 472 1.37 -23.80 -2.42
CA LEU B 472 2.37 -24.08 -1.44
C LEU B 472 1.77 -24.93 -0.34
N ASN B 473 2.37 -26.10 -0.11
CA ASN B 473 1.86 -26.93 0.95
C ASN B 473 0.34 -27.02 0.91
N GLY B 474 -0.23 -27.31 -0.25
CA GLY B 474 -1.68 -27.49 -0.35
C GLY B 474 -2.57 -26.31 -0.13
N VAL B 475 -2.00 -25.12 -0.30
CA VAL B 475 -2.72 -23.85 -0.18
C VAL B 475 -2.39 -23.08 -1.45
N GLU B 476 -3.42 -22.50 -2.05
CA GLU B 476 -3.30 -21.68 -3.26
C GLU B 476 -2.74 -20.32 -2.81
N VAL B 477 -1.46 -20.07 -3.07
CA VAL B 477 -0.85 -18.81 -2.67
C VAL B 477 -0.83 -17.79 -3.78
N GLY B 478 -1.29 -18.17 -4.97
CA GLY B 478 -1.25 -17.21 -6.06
C GLY B 478 -2.00 -17.77 -7.25
N GLY B 479 -2.43 -16.88 -8.15
CA GLY B 479 -3.14 -17.27 -9.35
C GLY B 479 -3.06 -16.20 -10.41
N GLY B 480 -2.94 -16.57 -11.69
CA GLY B 480 -2.87 -15.56 -12.75
C GLY B 480 -3.20 -16.17 -14.09
N SER B 481 -2.88 -15.43 -15.15
CA SER B 481 -3.14 -15.91 -16.50
C SER B 481 -2.62 -14.92 -17.54
N ILE B 482 -2.63 -15.36 -18.79
CA ILE B 482 -2.24 -14.53 -19.90
C ILE B 482 -3.59 -13.96 -20.22
N ARG B 483 -3.66 -12.70 -20.58
CA ARG B 483 -4.97 -12.14 -20.82
C ARG B 483 -5.38 -12.01 -22.28
N ILE B 484 -6.66 -11.73 -22.49
CA ILE B 484 -7.18 -11.53 -23.84
C ILE B 484 -6.84 -10.06 -24.20
N HIS B 485 -6.06 -9.85 -25.25
CA HIS B 485 -5.73 -8.49 -25.68
C HIS B 485 -6.52 -8.08 -26.94
N ASP B 486 -7.17 -9.04 -27.59
CA ASP B 486 -7.99 -8.71 -28.75
C ASP B 486 -9.37 -8.33 -28.20
N PRO B 487 -9.86 -7.14 -28.53
CA PRO B 487 -11.17 -6.70 -28.04
C PRO B 487 -12.40 -7.48 -28.50
N ARG B 488 -12.31 -8.09 -29.69
CA ARG B 488 -13.42 -8.89 -30.16
C ARG B 488 -13.55 -10.19 -29.39
N LEU B 489 -12.40 -10.84 -29.17
CA LEU B 489 -12.36 -12.08 -28.41
C LEU B 489 -12.90 -11.82 -27.00
N GLN B 490 -12.48 -10.70 -26.39
CA GLN B 490 -12.95 -10.39 -25.04
C GLN B 490 -14.48 -10.30 -25.01
N ALA B 491 -15.06 -9.63 -26.00
CA ALA B 491 -16.53 -9.49 -26.08
C ALA B 491 -17.15 -10.88 -26.33
N ARG B 492 -16.55 -11.68 -27.20
CA ARG B 492 -17.06 -13.03 -27.46
C ARG B 492 -17.19 -13.75 -26.10
N VAL B 493 -16.06 -13.90 -25.40
CA VAL B 493 -16.06 -14.54 -24.09
C VAL B 493 -17.06 -13.83 -23.11
N PHE B 494 -17.20 -12.53 -23.23
CA PHE B 494 -18.17 -11.83 -22.38
C PHE B 494 -19.60 -12.37 -22.60
N ARG B 495 -19.95 -12.59 -23.88
CA ARG B 495 -21.25 -13.10 -24.30
C ARG B 495 -21.47 -14.50 -23.70
N LEU B 496 -20.49 -15.36 -23.93
CA LEU B 496 -20.48 -16.73 -23.43
C LEU B 496 -20.71 -16.75 -21.90
N LEU B 497 -20.11 -15.80 -21.20
CA LEU B 497 -20.25 -15.70 -19.75
C LEU B 497 -21.64 -15.22 -19.35
N GLY B 498 -22.52 -15.06 -20.34
CA GLY B 498 -23.87 -14.59 -20.08
C GLY B 498 -23.90 -13.10 -19.79
N ILE B 499 -23.18 -12.29 -20.56
CA ILE B 499 -23.17 -10.84 -20.38
C ILE B 499 -23.43 -10.16 -21.71
N GLY B 500 -24.63 -9.56 -21.83
CA GLY B 500 -25.04 -8.91 -23.06
C GLY B 500 -24.42 -7.57 -23.39
N GLU B 501 -24.23 -7.33 -24.69
CA GLU B 501 -23.61 -6.11 -25.19
C GLU B 501 -23.85 -4.86 -24.36
N GLU B 502 -25.01 -4.76 -23.71
CA GLU B 502 -25.32 -3.57 -22.92
C GLU B 502 -24.76 -3.62 -21.49
N GLU B 503 -24.61 -4.83 -20.95
CA GLU B 503 -24.07 -4.97 -19.60
C GLU B 503 -22.56 -4.75 -19.72
N GLN B 504 -22.04 -5.22 -20.85
CA GLN B 504 -20.63 -5.09 -21.15
C GLN B 504 -20.25 -3.62 -21.11
N ARG B 505 -21.15 -2.77 -21.61
CA ARG B 505 -20.90 -1.33 -21.65
C ARG B 505 -20.91 -0.67 -20.27
N GLU B 506 -21.86 -1.04 -19.41
CA GLU B 506 -21.93 -0.42 -18.09
C GLU B 506 -20.81 -0.93 -17.21
N LYS B 507 -20.57 -2.24 -17.25
CA LYS B 507 -19.51 -2.83 -16.44
C LYS B 507 -18.08 -2.75 -16.97
N PHE B 508 -17.88 -2.99 -18.26
CA PHE B 508 -16.52 -3.01 -18.80
C PHE B 508 -16.28 -2.20 -20.06
N GLY B 509 -17.22 -1.32 -20.39
CA GLY B 509 -17.08 -0.53 -21.60
C GLY B 509 -15.75 0.22 -21.67
N PHE B 510 -15.39 0.88 -20.59
CA PHE B 510 -14.14 1.61 -20.63
C PHE B 510 -12.97 0.67 -20.93
N PHE B 511 -13.07 -0.56 -20.49
CA PHE B 511 -12.01 -1.51 -20.68
C PHE B 511 -11.99 -2.08 -22.10
N LEU B 512 -13.16 -2.45 -22.60
CA LEU B 512 -13.24 -2.99 -23.94
C LEU B 512 -12.67 -1.95 -24.88
N GLU B 513 -13.08 -0.68 -24.71
CA GLU B 513 -12.58 0.38 -25.55
C GLU B 513 -11.04 0.52 -25.44
N ALA B 514 -10.50 0.30 -24.24
CA ALA B 514 -9.05 0.37 -24.04
C ALA B 514 -8.35 -0.68 -24.90
N LEU B 515 -8.92 -1.90 -25.02
CA LEU B 515 -8.32 -2.95 -25.85
C LEU B 515 -8.35 -2.63 -27.33
N GLU B 516 -9.01 -1.54 -27.72
CA GLU B 516 -9.08 -1.18 -29.13
C GLU B 516 -8.06 -0.11 -29.53
N TYR B 517 -7.26 0.33 -28.55
CA TYR B 517 -6.26 1.34 -28.82
C TYR B 517 -4.85 0.77 -28.90
N GLY B 518 -4.74 -0.53 -29.18
CA GLY B 518 -3.44 -1.16 -29.32
C GLY B 518 -2.93 -1.77 -28.06
N ALA B 519 -3.58 -2.83 -27.62
CA ALA B 519 -3.15 -3.49 -26.40
C ALA B 519 -2.15 -4.57 -26.77
N PRO B 520 -1.04 -4.63 -26.06
CA PRO B 520 -0.02 -5.63 -26.34
C PRO B 520 -0.38 -6.95 -25.66
N PRO B 521 0.30 -8.05 -26.06
CA PRO B 521 -0.05 -9.28 -25.37
C PRO B 521 0.44 -9.03 -23.92
N HIS B 522 -0.27 -9.56 -22.93
CA HIS B 522 0.16 -9.38 -21.56
C HIS B 522 -0.43 -10.42 -20.63
N GLY B 523 0.17 -10.58 -19.45
CA GLY B 523 -0.30 -11.55 -18.51
C GLY B 523 0.31 -11.24 -17.18
N GLY B 524 -0.10 -11.96 -16.14
CA GLY B 524 0.49 -11.68 -14.85
C GLY B 524 0.00 -12.66 -13.83
N ILE B 525 0.02 -12.22 -12.58
CA ILE B 525 -0.37 -13.10 -11.49
C ILE B 525 -0.58 -12.24 -10.25
N ALA B 526 -1.21 -12.81 -9.23
CA ALA B 526 -1.34 -12.13 -7.95
C ALA B 526 -1.09 -13.17 -6.88
N TRP B 527 -0.21 -12.89 -5.93
CA TRP B 527 0.02 -13.76 -4.79
C TRP B 527 -0.89 -13.28 -3.64
N GLY B 528 -1.33 -14.22 -2.80
CA GLY B 528 -2.07 -13.84 -1.61
C GLY B 528 -0.91 -13.68 -0.61
N LEU B 529 -0.49 -12.44 -0.37
CA LEU B 529 0.63 -12.20 0.54
C LEU B 529 0.39 -12.66 1.98
N ASP B 530 -0.80 -12.44 2.56
CA ASP B 530 -1.07 -12.93 3.92
C ASP B 530 -0.93 -14.45 3.98
N ARG B 531 -1.49 -15.15 3.00
CA ARG B 531 -1.37 -16.60 2.98
C ARG B 531 0.10 -17.06 2.87
N LEU B 532 0.89 -16.44 1.98
CA LEU B 532 2.29 -16.82 1.85
C LEU B 532 2.96 -16.71 3.21
N LEU B 533 2.78 -15.57 3.85
CA LEU B 533 3.38 -15.37 5.15
C LEU B 533 2.87 -16.25 6.29
N ALA B 534 1.61 -16.68 6.25
CA ALA B 534 1.12 -17.51 7.31
C ALA B 534 1.89 -18.83 7.17
N LEU B 535 2.04 -19.27 5.94
CA LEU B 535 2.76 -20.49 5.66
C LEU B 535 4.25 -20.36 6.01
N MET B 536 4.85 -19.22 5.70
CA MET B 536 6.27 -19.00 5.97
C MET B 536 6.58 -18.98 7.46
N THR B 537 5.57 -18.68 8.26
CA THR B 537 5.78 -18.61 9.71
C THR B 537 5.07 -19.77 10.43
N GLY B 538 4.59 -20.74 9.66
CA GLY B 538 3.90 -21.84 10.28
C GLY B 538 2.69 -21.37 11.07
N SER B 539 2.04 -20.29 10.66
CA SER B 539 0.85 -19.80 11.38
C SER B 539 -0.43 -20.56 11.12
N PRO B 540 -1.28 -20.73 12.15
CA PRO B 540 -2.53 -21.47 11.89
C PRO B 540 -3.57 -20.68 11.05
N SER B 541 -3.35 -19.36 10.89
CA SER B 541 -4.29 -18.57 10.09
C SER B 541 -3.60 -17.32 9.66
N ILE B 542 -4.14 -16.64 8.67
CA ILE B 542 -3.50 -15.42 8.21
C ILE B 542 -3.62 -14.27 9.20
N ARG B 543 -4.43 -14.44 10.24
CA ARG B 543 -4.60 -13.36 11.21
C ARG B 543 -3.33 -13.14 12.00
N GLU B 544 -2.54 -14.20 12.10
CA GLU B 544 -1.28 -14.16 12.84
C GLU B 544 -0.21 -13.35 12.13
N VAL B 545 -0.38 -13.02 10.83
CA VAL B 545 0.61 -12.23 10.11
C VAL B 545 0.04 -10.89 9.59
N ILE B 546 -1.02 -10.42 10.22
CA ILE B 546 -1.65 -9.14 9.89
C ILE B 546 -1.67 -8.43 11.23
N ALA B 547 -1.16 -7.20 11.29
CA ALA B 547 -1.13 -6.48 12.54
C ALA B 547 -2.48 -6.32 13.23
N PHE B 548 -3.50 -5.88 12.49
CA PHE B 548 -4.81 -5.65 13.07
C PHE B 548 -5.89 -6.26 12.22
N PRO B 549 -6.08 -7.59 12.34
CA PRO B 549 -7.09 -8.28 11.54
C PRO B 549 -8.51 -8.24 12.10
N LYS B 550 -9.45 -8.74 11.30
CA LYS B 550 -10.85 -8.85 11.70
C LYS B 550 -11.05 -10.28 12.19
N ASN B 551 -12.07 -10.50 13.02
CA ASN B 551 -12.38 -11.86 13.46
C ASN B 551 -13.31 -12.49 12.39
N LYS B 552 -13.78 -13.71 12.62
CA LYS B 552 -14.56 -14.37 11.59
C LYS B 552 -15.84 -13.63 11.15
N GLU B 553 -16.46 -12.86 12.06
CA GLU B 553 -17.66 -12.11 11.71
C GLU B 553 -17.31 -10.83 10.91
N GLY B 554 -16.02 -10.54 10.78
CA GLY B 554 -15.60 -9.38 10.02
C GLY B 554 -15.61 -8.19 10.95
N LYS B 555 -15.57 -8.45 12.24
CA LYS B 555 -15.55 -7.34 13.18
C LYS B 555 -14.21 -7.13 13.84
N ASP B 556 -14.03 -5.92 14.32
CA ASP B 556 -12.80 -5.49 14.97
C ASP B 556 -13.00 -5.31 16.47
N PRO B 557 -12.78 -6.39 17.26
CA PRO B 557 -12.98 -6.24 18.70
C PRO B 557 -12.09 -5.22 19.40
N LEU B 558 -11.03 -4.77 18.72
CA LEU B 558 -10.14 -3.78 19.34
C LEU B 558 -10.77 -2.43 19.31
N THR B 559 -11.30 -2.14 18.15
CA THR B 559 -11.89 -0.87 17.83
C THR B 559 -13.41 -0.80 17.96
N GLY B 560 -14.11 -1.91 17.71
CA GLY B 560 -15.55 -1.86 17.79
C GLY B 560 -16.15 -1.71 16.40
N ALA B 561 -15.31 -1.50 15.40
CA ALA B 561 -15.85 -1.40 14.05
C ALA B 561 -16.32 -2.78 13.59
N PRO B 562 -17.37 -2.84 12.78
CA PRO B 562 -18.14 -1.72 12.27
C PRO B 562 -19.10 -1.27 13.36
N SER B 563 -19.48 0.00 13.33
CA SER B 563 -20.38 0.45 14.36
C SER B 563 -21.45 1.33 13.74
N PRO B 564 -22.40 1.81 14.58
CA PRO B 564 -23.43 2.67 14.02
C PRO B 564 -22.94 4.10 13.82
N VAL B 565 -23.68 4.86 13.03
CA VAL B 565 -23.31 6.25 12.80
C VAL B 565 -24.56 7.05 13.03
N PRO B 566 -24.40 8.32 13.39
CA PRO B 566 -25.50 9.25 13.66
C PRO B 566 -26.43 9.38 12.47
N GLU B 567 -27.71 9.55 12.77
CA GLU B 567 -28.73 9.71 11.75
C GLU B 567 -28.38 10.89 10.85
N GLU B 568 -27.84 11.94 11.45
CA GLU B 568 -27.48 13.12 10.67
C GLU B 568 -26.51 12.70 9.58
N GLN B 569 -25.54 11.87 9.96
CA GLN B 569 -24.54 11.43 9.03
C GLN B 569 -25.15 10.61 7.90
N LEU B 570 -25.95 9.63 8.25
CA LEU B 570 -26.56 8.79 7.25
C LEU B 570 -27.54 9.61 6.38
N ARG B 571 -28.12 10.64 6.96
CA ARG B 571 -29.04 11.47 6.21
C ARG B 571 -28.33 12.24 5.11
N GLU B 572 -27.17 12.80 5.47
CA GLU B 572 -26.41 13.58 4.52
C GLU B 572 -25.93 12.75 3.30
N LEU B 573 -25.89 11.43 3.46
CA LEU B 573 -25.48 10.55 2.39
C LEU B 573 -26.72 10.19 1.59
N GLY B 574 -27.86 10.64 2.09
CA GLY B 574 -29.11 10.33 1.41
C GLY B 574 -29.48 8.85 1.53
N LEU B 575 -28.99 8.21 2.59
CA LEU B 575 -29.29 6.79 2.79
C LEU B 575 -30.20 6.50 4.00
N MET B 576 -30.81 5.33 4.02
CA MET B 576 -31.65 4.95 5.16
C MET B 576 -31.58 3.41 5.37
N VAL B 577 -31.63 2.99 6.63
CA VAL B 577 -31.60 1.57 6.91
C VAL B 577 -32.96 0.87 6.69
N VAL B 578 -32.97 -0.30 6.03
CA VAL B 578 -34.22 -1.02 5.83
C VAL B 578 -33.98 -2.58 6.05
N ARG B 579 -35.02 -3.40 6.07
CA ARG B 579 -34.86 -4.86 6.23
C ARG B 579 -34.49 -5.44 4.85
N PRO B 580 -33.50 -6.35 4.77
CA PRO B 580 -33.17 -6.90 3.46
C PRO B 580 -34.34 -7.54 2.71
S SO4 C . -4.94 20.85 3.30
O1 SO4 C . -4.56 22.27 3.16
O2 SO4 C . -5.88 20.74 4.45
O3 SO4 C . -5.57 20.37 2.05
O4 SO4 C . -3.73 20.05 3.58
P AMO D . -2.00 15.46 8.08
O1P AMO D . -1.36 16.80 8.27
O2P AMO D . -3.50 15.33 8.16
O3P AMO D . -1.27 14.34 9.08
O5' AMO D . -1.60 14.90 6.66
C5' AMO D . -0.22 14.74 6.25
C4' AMO D . -0.04 15.33 4.88
O4' AMO D . -0.92 14.68 3.93
C1' AMO D . -1.20 15.59 2.87
N9 AMO D . -2.64 15.61 2.62
C4 AMO D . -3.30 15.41 1.42
N3 AMO D . -2.75 15.16 0.22
C2 AMO D . -3.68 15.02 -0.71
N1 AMO D . -5.02 15.10 -0.59
C6 AMO D . -5.55 15.34 0.62
N6 AMO D . -6.87 15.41 0.74
C5 AMO D . -4.65 15.52 1.70
N7 AMO D . -4.86 15.79 3.03
C8 AMO D . -3.64 15.83 3.54
C2' AMO D . -0.62 16.95 3.26
C3' AMO D . -0.42 16.79 4.76
O3' AMO D . 0.62 17.60 5.31
N AMO D . -1.78 11.64 11.38
CA AMO D . -1.24 12.98 10.93
CB AMO D . 0.30 12.94 10.83
CG AMO D . 0.96 12.80 12.19
OD1 AMO D . 2.03 12.17 12.28
OD2 AMO D . 0.48 13.43 13.14
C AMO D . -1.80 13.31 9.56
O AMO D . -2.57 12.53 8.99
O2' AMO D . 0.61 17.22 2.61
S SO4 E . -10.53 -19.09 -1.96
O1 SO4 E . -11.55 -18.32 -2.72
O2 SO4 E . -10.59 -18.68 -0.54
O3 SO4 E . -10.81 -20.55 -2.03
O4 SO4 E . -9.20 -18.81 -2.52
P AMO F . -7.20 -14.20 -7.01
O1P AMO F . -6.90 -15.62 -7.31
O2P AMO F . -8.60 -13.78 -6.74
O3P AMO F . -6.63 -13.46 -8.37
O5' AMO F . -6.34 -13.78 -5.74
C5' AMO F . -4.93 -14.00 -5.68
C4' AMO F . -4.58 -14.73 -4.40
O4' AMO F . -4.95 -13.90 -3.26
C1' AMO F . -5.29 -14.74 -2.16
N9 AMO F . -6.62 -14.37 -1.69
C4 AMO F . -6.98 -14.04 -0.41
N3 AMO F . -6.19 -13.97 0.67
C2 AMO F . -6.88 -13.63 1.75
N1 AMO F . -8.20 -13.37 1.87
C6 AMO F . -8.97 -13.44 0.76
N6 AMO F . -10.28 -13.16 0.87
C5 AMO F . -8.34 -13.81 -0.45
N7 AMO F . -8.83 -13.98 -1.73
C8 AMO F . -7.77 -14.31 -2.43
C2' AMO F . -5.20 -16.20 -2.65
C3' AMO F . -5.31 -16.04 -4.15
O3' AMO F . -4.61 -17.09 -4.85
N AMO F . -6.48 -10.57 -10.53
CA AMO F . -6.31 -12.00 -10.08
CB AMO F . -4.84 -12.42 -10.19
CG AMO F . -4.32 -12.37 -11.63
OD1 AMO F . -3.31 -11.71 -11.89
OD2 AMO F . -4.97 -12.99 -12.49
C AMO F . -6.78 -12.25 -8.66
O AMO F . -7.22 -11.32 -7.98
O2' AMO F . -3.94 -16.73 -2.26
P AMP G . -22.65 -51.12 2.57
O1P AMP G . -22.81 -51.95 3.80
O2P AMP G . -23.29 -51.92 1.35
O3P AMP G . -23.17 -49.72 2.56
O5' AMP G . -21.11 -51.08 2.14
C5' AMP G . -20.32 -52.30 2.09
C4' AMP G . -18.83 -51.97 2.17
O4' AMP G . -18.39 -51.30 0.96
C3' AMP G . -18.37 -51.08 3.32
O3' AMP G . -16.99 -51.38 3.55
C2' AMP G . -18.33 -49.70 2.66
O2' AMP G . -17.45 -48.84 3.34
C1' AMP G . -17.78 -50.07 1.29
N9 AMP G . -18.07 -49.12 0.22
C8 AMP G . -19.30 -48.72 -0.25
N7 AMP G . -19.24 -47.92 -1.28
C5 AMP G . -17.88 -47.76 -1.50
C6 AMP G . -17.16 -47.05 -2.47
N6 AMP G . -17.73 -46.36 -3.47
N1 AMP G . -15.80 -47.09 -2.41
C2 AMP G . -15.24 -47.81 -1.44
N3 AMP G . -15.81 -48.54 -0.49
C4 AMP G . -17.15 -48.47 -0.57
#